data_8VWV
#
_entry.id   8VWV
#
_cell.length_a   1.00
_cell.length_b   1.00
_cell.length_c   1.00
_cell.angle_alpha   90.00
_cell.angle_beta   90.00
_cell.angle_gamma   90.00
#
_symmetry.space_group_name_H-M   'P 1'
#
loop_
_entity.id
_entity.type
_entity.pdbx_description
1 polymer 'Histone H3.2'
2 polymer 'Histone H4'
3 polymer 'Histone H2A type 1'
4 polymer 'Histone H2B type 1-C/E/F/G/I'
5 polymer '601 I strand (damaged strand)'
6 polymer '601 J strand (non-damaged)'
7 polymer 'N-glycosylase/DNA lyase'
#
loop_
_entity_poly.entity_id
_entity_poly.type
_entity_poly.pdbx_seq_one_letter_code
_entity_poly.pdbx_strand_id
1 'polypeptide(L)'
;ARTKQTARKSTGGKAPRKQLATKAARKSAPATGGVKKPHRYRPGTVALREIRRYQKSTELLIRKLPFQRLVREIAQDFKT
DLRFQSSAVMALQEASEAYLVGLFEDTNLAAIHAKRVTIMPKDIQLARRIRGERA
;
A,E
2 'polypeptide(L)'
;SGRGKGGKGLGKGGAKRHRKVLRDNIQGITKPAIRRLARRGGVKRISGLIYEETRGVLKVFLENVIRDAVTYTEHAKRKT
VTAMDVVYALKRQGRTLYGFGG
;
B,F
3 'polypeptide(L)'
;SGRGKQGGKARAKAKTRSSRAGLQFPVGRVHRLLRKGNYAERVGAGAPVYLAAVLEYLTAEILELAGNAARDNKKTRIIP
RHLQLAIRNDEELNKLLGKVTIAQGGVLPNIQAVLLPKKTESHHKAKGK
;
C,G
4 'polypeptide(L)'
;PEPAKSAPAPKKGSKKAVTKAQKKDGKKRKRSRKESYSVYVYKVLKQVHPDTGISSKAMGIMNSFVNDIFERIAGEASRL
AHYNKRSTITSREIQTAVRLLLPGELAKHAVSEGTKAVTKYTSSK
;
D,H
5 'polydeoxyribonucleotide'
;(DA)(DT)(DC)(DG)(DA)(DG)(DA)(DA)(DT)(DC)(DC)(DC)(DG)(DG)(DT)(DG)(DC)(DC)(DG)(DA)
(DG)(DG)(DC)(DC)(DG)(DC)(DT)(DC)(DA)(DA)(DT)(DT)(DG)(8OG)(DT)(DC)(DG)(DT)(DA)
(DG)(DA)(DC)(DA)(DG)(DC)(DT)(DC)(DT)(DA)(DG)(DC)(DA)(DC)(DC)(DG)(DC)(DT)(DT)(DA)
(DA)(DA)(DC)(DG)(DC)(DA)(DC)(DG)(DT)(DA)(DC)(DG)(DC)(DG)(DC)(DT)(DG)(DT)(DC)(DC)
(DC)(DC)(DC)(DG)(DC)(DG)(DT)(DT)(DT)(DT)(DA)(DA)(DC)(DC)(DG)(DC)(DC)(DA)(DA)(DG)
(DG)(DG)(DG)(DA)(DT)(DT)(DA)(DC)(DT)(DC)(DC)(DC)(DT)(DA)(DG)(DT)(DC)(DT)(DC)(DC)
(DA)(DG)(DG)(DC)(DA)(DC)(DG)(DT)(DG)(DT)(DC)(DA)(DG)(DA)(DT)(DA)(DT)(DA)(DT)(DA)
(DC)(DA)(DT)(DC)(DC)(DG)(DA)(DT)
;
I
6 'polydeoxyribonucleotide'
;(DA)(DT)(DC)(DG)(DG)(DA)(DT)(DG)(DT)(DA)(DT)(DA)(DT)(DA)(DT)(DC)(DT)(DG)(DA)(DC)
(DA)(DC)(DG)(DT)(DG)(DC)(DC)(DT)(DG)(DG)(DA)(DG)(DA)(DC)(DT)(DA)(DG)(DG)(DG)(DA)
(DG)(DT)(DA)(DA)(DT)(DC)(DC)(DC)(DC)(DT)(DT)(DG)(DG)(DC)(DG)(DG)(DT)(DT)(DA)(DA)
(DA)(DA)(DC)(DG)(DC)(DG)(DG)(DG)(DG)(DG)(DA)(DC)(DA)(DG)(DC)(DG)(DC)(DG)(DT)(DA)
(DC)(DG)(DT)(DG)(DC)(DG)(DT)(DT)(DT)(DA)(DA)(DG)(DC)(DG)(DG)(DT)(DG)(DC)(DT)(DA)
(DG)(DA)(DG)(DC)(DT)(DG)(DT)(DC)(DT)(DA)(DC)(DG)(DA)(DC)(DC)(DA)(DA)(DT)(DT)(DG)
(DA)(DG)(DC)(DG)(DG)(DC)(DC)(DT)(DC)(DG)(DG)(DC)(DA)(DC)(DC)(DG)(DG)(DG)(DA)(DT)
(DT)(DC)(DT)(DC)(DG)(DA)(DT)
;
J
7 'polypeptide(L)'
;MPARALLPRRMGHRTLASTPALWASIPCPRSELRLDLVLPSGQSFRWREQSPAHWSGVLADQVWTLTQTEEQLHCTVYRG
DKSQASRPTPDELEAVRKYFQLDVTLAQLYHHWGSVDSHFQEVAQKFQGVRLLRQDPIECLFSFICSSNNNIARITGMVE
RLCQAFGPRLIQLDDVTYHGFPSLQALAGPEVEAHLRKLGLGYRARYVSASARAILEEQGGLAWLQQLRESSYEEAHKAL
CILPGVGTQVADCICLMALDKPQAVPVDVHMWHIAQRDYSWHPTTSQAKGPSPQTNKELGNFFRSLWGPYAGWAQAVLFS
ADLRQSRHAQEPPAKRRKGSKGPEG
;
K
#
loop_
_chem_comp.id
_chem_comp.type
_chem_comp.name
_chem_comp.formula
8OG DNA linking 8-OXO-2'-DEOXY-GUANOSINE-5'-MONOPHOSPHATE 'C10 H14 N5 O8 P'
DA DNA linking 2'-DEOXYADENOSINE-5'-MONOPHOSPHATE 'C10 H14 N5 O6 P'
DC DNA linking 2'-DEOXYCYTIDINE-5'-MONOPHOSPHATE 'C9 H14 N3 O7 P'
DG DNA linking 2'-DEOXYGUANOSINE-5'-MONOPHOSPHATE 'C10 H14 N5 O7 P'
DT DNA linking THYMIDINE-5'-MONOPHOSPHATE 'C10 H15 N2 O8 P'
#
# COMPACT_ATOMS: atom_id res chain seq x y z
N PRO A 38 0.95 21.65 -67.32
CA PRO A 38 -0.26 22.14 -66.66
C PRO A 38 -1.19 21.01 -66.23
N HIS A 39 -0.67 20.08 -65.44
CA HIS A 39 -1.42 18.92 -64.97
C HIS A 39 -1.59 19.01 -63.45
N ARG A 40 -2.82 18.84 -62.99
CA ARG A 40 -3.14 18.94 -61.57
C ARG A 40 -4.03 17.77 -61.17
N TYR A 41 -3.81 17.26 -59.96
CA TYR A 41 -4.67 16.23 -59.40
C TYR A 41 -5.88 16.88 -58.73
N ARG A 42 -6.99 16.16 -58.76
CA ARG A 42 -8.22 16.69 -58.19
C ARG A 42 -8.13 16.74 -56.67
N PRO A 43 -8.83 17.67 -56.04
CA PRO A 43 -8.85 17.73 -54.56
C PRO A 43 -9.44 16.46 -53.97
N GLY A 44 -8.69 15.86 -53.05
CA GLY A 44 -9.11 14.62 -52.42
C GLY A 44 -8.54 13.37 -53.03
N THR A 45 -7.57 13.49 -53.94
CA THR A 45 -6.91 12.35 -54.55
C THR A 45 -5.55 12.07 -53.94
N VAL A 46 -4.64 13.06 -53.96
CA VAL A 46 -3.43 12.94 -53.18
C VAL A 46 -3.71 13.20 -51.71
N ALA A 47 -4.85 13.82 -51.40
CA ALA A 47 -5.32 13.90 -50.01
C ALA A 47 -5.74 12.53 -49.51
N LEU A 48 -6.51 11.80 -50.32
CA LEU A 48 -6.81 10.41 -49.97
C LEU A 48 -5.55 9.56 -49.97
N ARG A 49 -4.63 9.84 -50.88
CA ARG A 49 -3.30 9.25 -50.79
C ARG A 49 -2.52 9.93 -49.67
N GLU A 50 -1.34 9.40 -49.40
CA GLU A 50 -0.48 9.71 -48.26
C GLU A 50 -1.14 9.26 -46.95
N ILE A 51 -2.42 8.92 -46.98
CA ILE A 51 -2.99 8.19 -45.86
C ILE A 51 -2.46 6.78 -45.84
N ARG A 52 -2.43 6.14 -47.02
CA ARG A 52 -1.80 4.85 -47.15
C ARG A 52 -0.31 4.93 -46.87
N ARG A 53 0.33 6.03 -47.23
CA ARG A 53 1.77 6.17 -47.01
C ARG A 53 2.10 6.32 -45.53
N TYR A 54 1.36 7.18 -44.81
CA TYR A 54 1.61 7.38 -43.40
C TYR A 54 1.10 6.24 -42.54
N GLN A 55 0.13 5.47 -43.01
CA GLN A 55 -0.22 4.24 -42.31
C GLN A 55 0.77 3.12 -42.63
N LYS A 56 1.41 3.19 -43.80
CA LYS A 56 2.44 2.23 -44.15
C LYS A 56 3.69 2.46 -43.32
N SER A 57 4.10 3.71 -43.15
CA SER A 57 5.31 4.02 -42.42
C SER A 57 5.06 4.01 -40.92
N THR A 58 6.15 4.08 -40.15
CA THR A 58 6.06 4.06 -38.71
C THR A 58 7.02 5.07 -38.09
N GLU A 59 7.29 6.15 -38.80
CA GLU A 59 8.20 7.19 -38.33
C GLU A 59 7.45 8.10 -37.35
N LEU A 60 8.04 9.25 -37.04
CA LEU A 60 7.56 10.10 -35.96
C LEU A 60 6.53 11.13 -36.41
N LEU A 61 6.79 11.85 -37.51
CA LEU A 61 5.90 12.86 -38.13
C LEU A 61 5.91 14.19 -37.38
N ILE A 62 6.63 14.31 -36.27
CA ILE A 62 6.83 15.59 -35.60
C ILE A 62 8.33 15.81 -35.44
N ARG A 63 8.79 16.99 -35.82
CA ARG A 63 10.21 17.30 -35.76
C ARG A 63 10.72 17.19 -34.33
N LYS A 64 11.92 16.60 -34.18
CA LYS A 64 12.44 16.29 -32.85
C LYS A 64 12.76 17.56 -32.07
N LEU A 65 13.49 18.48 -32.67
CA LEU A 65 13.96 19.66 -31.93
C LEU A 65 12.84 20.56 -31.44
N PRO A 66 11.81 20.89 -32.23
CA PRO A 66 10.68 21.65 -31.66
C PRO A 66 10.04 20.95 -30.48
N PHE A 67 9.91 19.62 -30.54
CA PHE A 67 9.32 18.90 -29.42
C PHE A 67 10.24 18.92 -28.21
N GLN A 68 11.56 18.85 -28.44
CA GLN A 68 12.53 19.03 -27.36
C GLN A 68 12.34 20.38 -26.68
N ARG A 69 12.29 21.44 -27.47
CA ARG A 69 12.14 22.78 -26.90
C ARG A 69 10.84 22.90 -26.13
N LEU A 70 9.75 22.38 -26.69
CA LEU A 70 8.46 22.48 -26.02
C LEU A 70 8.44 21.69 -24.73
N VAL A 71 9.04 20.50 -24.73
CA VAL A 71 9.06 19.69 -23.50
C VAL A 71 9.86 20.40 -22.42
N ARG A 72 10.99 21.00 -22.78
CA ARG A 72 11.77 21.75 -21.80
C ARG A 72 10.97 22.95 -21.30
N GLU A 73 10.26 23.62 -22.20
CA GLU A 73 9.44 24.77 -21.80
C GLU A 73 8.36 24.35 -20.82
N ILE A 74 7.72 23.21 -21.05
CA ILE A 74 6.73 22.71 -20.12
C ILE A 74 7.39 22.35 -18.79
N ALA A 75 8.59 21.79 -18.85
CA ALA A 75 9.27 21.31 -17.64
C ALA A 75 9.68 22.47 -16.75
N GLN A 76 10.10 23.60 -17.34
CA GLN A 76 10.65 24.69 -16.53
C GLN A 76 9.61 25.31 -15.61
N ASP A 77 8.32 25.08 -15.85
CA ASP A 77 7.30 25.62 -14.96
C ASP A 77 7.27 24.90 -13.62
N PHE A 78 7.36 23.57 -13.64
CA PHE A 78 7.27 22.80 -12.40
C PHE A 78 8.56 22.85 -11.60
N LYS A 79 9.71 22.88 -12.28
CA LYS A 79 10.97 23.02 -11.59
C LYS A 79 11.97 23.66 -12.57
N THR A 80 12.89 24.43 -12.01
CA THR A 80 13.83 25.21 -12.82
C THR A 80 15.06 24.37 -13.15
N ASP A 81 15.44 24.37 -14.43
CA ASP A 81 16.62 23.66 -14.93
C ASP A 81 16.52 22.17 -14.60
N LEU A 82 15.70 21.50 -15.39
CA LEU A 82 15.63 20.04 -15.38
C LEU A 82 16.40 19.47 -16.55
N ARG A 83 17.13 18.40 -16.28
CA ARG A 83 17.89 17.69 -17.31
C ARG A 83 17.02 16.57 -17.86
N PHE A 84 17.12 16.34 -19.17
CA PHE A 84 16.29 15.35 -19.83
C PHE A 84 17.15 14.43 -20.67
N GLN A 85 17.04 13.12 -20.41
CA GLN A 85 17.65 12.14 -21.29
C GLN A 85 16.94 12.15 -22.64
N SER A 86 17.69 11.85 -23.70
CA SER A 86 17.10 11.79 -25.03
C SER A 86 16.03 10.70 -25.10
N SER A 87 16.22 9.62 -24.35
CA SER A 87 15.22 8.56 -24.31
C SER A 87 13.90 9.06 -23.74
N ALA A 88 13.96 9.93 -22.72
CA ALA A 88 12.74 10.47 -22.14
C ALA A 88 11.97 11.31 -23.15
N VAL A 89 12.67 12.14 -23.91
CA VAL A 89 12.01 12.97 -24.91
C VAL A 89 11.43 12.10 -26.01
N MET A 90 12.14 11.04 -26.41
CA MET A 90 11.59 10.13 -27.42
C MET A 90 10.33 9.44 -26.91
N ALA A 91 10.35 8.99 -25.65
CA ALA A 91 9.17 8.33 -25.08
C ALA A 91 7.98 9.29 -25.02
N LEU A 92 8.22 10.53 -24.59
CA LEU A 92 7.16 11.53 -24.58
C LEU A 92 6.61 11.75 -25.98
N GLN A 93 7.50 11.85 -26.98
CA GLN A 93 7.06 12.08 -28.33
C GLN A 93 6.18 10.95 -28.83
N GLU A 94 6.62 9.70 -28.61
CA GLU A 94 5.83 8.57 -29.08
C GLU A 94 4.48 8.49 -28.38
N ALA A 95 4.45 8.75 -27.06
CA ALA A 95 3.19 8.71 -26.33
C ALA A 95 2.22 9.77 -26.83
N SER A 96 2.70 11.01 -26.98
CA SER A 96 1.83 12.09 -27.45
C SER A 96 1.35 11.84 -28.86
N GLU A 97 2.21 11.30 -29.71
CA GLU A 97 1.83 11.03 -31.10
C GLU A 97 0.78 9.94 -31.19
N ALA A 98 0.92 8.87 -30.41
CA ALA A 98 -0.11 7.83 -30.40
C ALA A 98 -1.43 8.39 -29.87
N TYR A 99 -1.35 9.20 -28.82
CA TYR A 99 -2.55 9.85 -28.29
C TYR A 99 -3.24 10.69 -29.35
N LEU A 100 -2.48 11.50 -30.07
CA LEU A 100 -3.06 12.37 -31.08
C LEU A 100 -3.64 11.56 -32.23
N VAL A 101 -3.00 10.45 -32.60
CA VAL A 101 -3.55 9.60 -33.65
C VAL A 101 -4.90 9.03 -33.23
N GLY A 102 -5.00 8.56 -31.99
CA GLY A 102 -6.28 8.07 -31.50
C GLY A 102 -7.34 9.16 -31.47
N LEU A 103 -6.95 10.35 -31.02
CA LEU A 103 -7.89 11.47 -30.99
C LEU A 103 -8.36 11.83 -32.39
N PHE A 104 -7.47 11.78 -33.38
CA PHE A 104 -7.88 12.12 -34.74
C PHE A 104 -8.76 11.04 -35.34
N GLU A 105 -8.54 9.77 -34.98
CA GLU A 105 -9.46 8.73 -35.40
C GLU A 105 -10.86 8.99 -34.86
N ASP A 106 -10.97 9.32 -33.58
CA ASP A 106 -12.28 9.58 -32.99
C ASP A 106 -12.90 10.86 -33.57
N THR A 107 -12.06 11.85 -33.88
CA THR A 107 -12.55 13.06 -34.53
C THR A 107 -13.11 12.75 -35.91
N ASN A 108 -12.43 11.87 -36.66
CA ASN A 108 -12.96 11.46 -37.95
C ASN A 108 -14.28 10.73 -37.79
N LEU A 109 -14.42 9.94 -36.72
CA LEU A 109 -15.71 9.28 -36.47
C LEU A 109 -16.81 10.30 -36.20
N ALA A 110 -16.50 11.31 -35.39
CA ALA A 110 -17.50 12.34 -35.11
C ALA A 110 -17.87 13.11 -36.37
N ALA A 111 -16.88 13.39 -37.22
CA ALA A 111 -17.15 14.14 -38.44
C ALA A 111 -17.97 13.32 -39.43
N ILE A 112 -17.62 12.05 -39.62
CA ILE A 112 -18.37 11.20 -40.54
C ILE A 112 -19.78 10.97 -40.02
N HIS A 113 -19.98 11.12 -38.71
CA HIS A 113 -21.33 10.94 -38.16
C HIS A 113 -22.29 12.00 -38.68
N ALA A 114 -21.85 13.26 -38.73
CA ALA A 114 -22.73 14.37 -39.09
C ALA A 114 -22.81 14.58 -40.60
N LYS A 115 -22.56 13.53 -41.38
CA LYS A 115 -22.57 13.60 -42.85
C LYS A 115 -21.60 14.65 -43.35
N ARG A 116 -20.43 14.72 -42.72
CA ARG A 116 -19.38 15.65 -43.11
C ARG A 116 -18.09 14.88 -43.36
N VAL A 117 -17.35 15.32 -44.38
CA VAL A 117 -16.04 14.77 -44.66
C VAL A 117 -14.93 15.63 -44.06
N THR A 118 -15.18 16.93 -43.91
CA THR A 118 -14.28 17.78 -43.16
C THR A 118 -14.42 17.49 -41.67
N ILE A 119 -13.36 17.81 -40.92
CA ILE A 119 -13.41 17.78 -39.47
C ILE A 119 -13.37 19.20 -38.94
N MET A 120 -14.21 19.47 -37.94
CA MET A 120 -14.32 20.77 -37.30
C MET A 120 -13.95 20.60 -35.82
N PRO A 121 -13.55 21.67 -35.15
CA PRO A 121 -13.20 21.55 -33.72
C PRO A 121 -14.33 20.99 -32.88
N LYS A 122 -15.59 21.26 -33.26
CA LYS A 122 -16.74 20.69 -32.59
C LYS A 122 -16.59 19.18 -32.43
N ASP A 123 -16.08 18.52 -33.47
CA ASP A 123 -15.76 17.10 -33.38
C ASP A 123 -14.78 16.83 -32.26
N ILE A 124 -13.78 17.71 -32.09
CA ILE A 124 -12.77 17.48 -31.07
C ILE A 124 -13.37 17.59 -29.67
N GLN A 125 -14.15 18.64 -29.41
CA GLN A 125 -14.78 18.70 -28.09
C GLN A 125 -15.75 17.54 -27.88
N LEU A 126 -16.45 17.12 -28.93
CA LEU A 126 -17.36 15.99 -28.79
C LEU A 126 -16.60 14.72 -28.42
N ALA A 127 -15.53 14.42 -29.15
CA ALA A 127 -14.76 13.20 -28.89
C ALA A 127 -14.16 13.24 -27.49
N ARG A 128 -13.65 14.39 -27.07
CA ARG A 128 -13.11 14.51 -25.72
C ARG A 128 -14.22 14.35 -24.68
N ARG A 129 -15.41 14.85 -24.97
CA ARG A 129 -16.49 14.83 -24.00
C ARG A 129 -17.00 13.42 -23.76
N ILE A 130 -17.25 12.66 -24.84
CA ILE A 130 -17.60 11.25 -24.65
C ILE A 130 -16.44 10.46 -24.06
N ARG A 131 -15.20 10.73 -24.49
CA ARG A 131 -14.09 9.99 -23.92
C ARG A 131 -13.85 10.30 -22.44
N GLY A 132 -14.47 11.35 -21.91
CA GLY A 132 -14.33 11.68 -20.51
C GLY A 132 -13.18 12.60 -20.18
N GLU A 133 -12.59 13.26 -21.17
CA GLU A 133 -11.46 14.13 -20.96
C GLU A 133 -11.88 15.56 -20.62
N ARG A 134 -13.18 15.81 -20.52
CA ARG A 134 -13.73 17.13 -20.18
C ARG A 134 -13.33 18.17 -21.23
N VAL B 21 13.31 27.41 -25.39
CA VAL B 21 13.04 26.86 -24.07
C VAL B 21 12.20 27.84 -23.26
N LEU B 22 12.35 29.13 -23.57
CA LEU B 22 11.71 30.17 -22.77
C LEU B 22 10.24 30.35 -23.14
N ARG B 23 9.97 30.71 -24.40
CA ARG B 23 8.62 31.05 -24.83
C ARG B 23 8.40 30.60 -26.27
N ASP B 24 7.13 30.70 -26.69
CA ASP B 24 6.66 30.56 -28.08
C ASP B 24 7.19 29.27 -28.74
N ASN B 25 7.15 28.18 -27.99
CA ASN B 25 7.54 26.88 -28.54
C ASN B 25 6.37 26.04 -29.01
N ILE B 26 5.14 26.40 -28.64
CA ILE B 26 3.97 25.66 -29.12
C ILE B 26 3.81 25.79 -30.63
N GLN B 27 4.32 26.86 -31.23
CA GLN B 27 4.38 26.93 -32.69
C GLN B 27 5.38 25.95 -33.28
N GLY B 28 6.13 25.21 -32.45
CA GLY B 28 7.03 24.21 -32.97
C GLY B 28 6.31 23.09 -33.71
N ILE B 29 5.08 22.77 -33.30
CA ILE B 29 4.24 21.83 -34.02
C ILE B 29 3.52 22.63 -35.09
N THR B 30 4.12 22.71 -36.27
CA THR B 30 3.58 23.49 -37.34
C THR B 30 2.34 22.83 -37.92
N LYS B 31 1.68 23.55 -38.85
CA LYS B 31 0.51 23.02 -39.53
C LYS B 31 0.77 21.70 -40.25
N PRO B 32 1.84 21.54 -41.05
CA PRO B 32 2.03 20.25 -41.74
C PRO B 32 2.17 19.06 -40.82
N ALA B 33 2.76 19.23 -39.63
CA ALA B 33 2.87 18.09 -38.72
C ALA B 33 1.51 17.60 -38.27
N ILE B 34 0.61 18.53 -37.91
CA ILE B 34 -0.75 18.15 -37.55
C ILE B 34 -1.46 17.53 -38.74
N ARG B 35 -1.24 18.10 -39.93
CA ARG B 35 -1.87 17.52 -41.12
C ARG B 35 -1.41 16.10 -41.34
N ARG B 36 -0.13 15.83 -41.16
CA ARG B 36 0.39 14.48 -41.33
C ARG B 36 -0.18 13.52 -40.28
N LEU B 37 -0.28 13.98 -39.03
CA LEU B 37 -0.87 13.14 -37.98
C LEU B 37 -2.32 12.80 -38.31
N ALA B 38 -3.09 13.79 -38.76
CA ALA B 38 -4.48 13.53 -39.12
C ALA B 38 -4.57 12.59 -40.32
N ARG B 39 -3.65 12.72 -41.27
CA ARG B 39 -3.61 11.79 -42.39
C ARG B 39 -3.37 10.37 -41.90
N ARG B 40 -2.46 10.20 -40.94
CA ARG B 40 -2.28 8.89 -40.34
C ARG B 40 -3.53 8.42 -39.62
N GLY B 41 -4.29 9.35 -39.05
CA GLY B 41 -5.49 8.97 -38.34
C GLY B 41 -6.69 8.64 -39.19
N GLY B 42 -6.57 8.80 -40.52
CA GLY B 42 -7.69 8.54 -41.39
C GLY B 42 -8.56 9.75 -41.67
N VAL B 43 -8.00 10.96 -41.60
CA VAL B 43 -8.74 12.18 -41.85
C VAL B 43 -8.43 12.66 -43.25
N LYS B 44 -9.49 12.98 -44.01
CA LYS B 44 -9.33 13.42 -45.38
C LYS B 44 -9.31 14.94 -45.53
N ARG B 45 -10.18 15.65 -44.82
CA ARG B 45 -10.32 17.09 -44.98
C ARG B 45 -10.28 17.76 -43.62
N ILE B 46 -9.47 18.80 -43.48
CA ILE B 46 -9.19 19.44 -42.20
C ILE B 46 -9.59 20.91 -42.30
N SER B 47 -10.48 21.36 -41.42
CA SER B 47 -10.82 22.76 -41.39
C SER B 47 -9.66 23.57 -40.80
N GLY B 48 -9.72 24.89 -41.01
CA GLY B 48 -8.65 25.76 -40.54
C GLY B 48 -8.54 25.83 -39.04
N LEU B 49 -9.65 25.74 -38.34
CA LEU B 49 -9.70 25.89 -36.89
C LEU B 49 -9.25 24.65 -36.13
N ILE B 50 -8.63 23.67 -36.78
CA ILE B 50 -8.26 22.43 -36.12
C ILE B 50 -6.90 22.54 -35.43
N TYR B 51 -5.97 23.25 -36.09
CA TYR B 51 -4.58 23.29 -35.62
C TYR B 51 -4.47 23.92 -34.23
N GLU B 52 -5.18 25.02 -34.00
CA GLU B 52 -5.11 25.65 -32.68
C GLU B 52 -5.70 24.75 -31.61
N GLU B 53 -6.83 24.10 -31.91
CA GLU B 53 -7.45 23.20 -30.94
C GLU B 53 -6.53 22.04 -30.60
N THR B 54 -5.92 21.43 -31.62
CA THR B 54 -5.05 20.28 -31.33
C THR B 54 -3.75 20.71 -30.66
N ARG B 55 -3.30 21.94 -30.90
CA ARG B 55 -2.15 22.45 -30.15
C ARG B 55 -2.50 22.58 -28.68
N GLY B 56 -3.70 23.10 -28.38
CA GLY B 56 -4.13 23.16 -26.99
C GLY B 56 -4.24 21.80 -26.36
N VAL B 57 -4.80 20.83 -27.09
CA VAL B 57 -4.94 19.48 -26.56
C VAL B 57 -3.57 18.86 -26.29
N LEU B 58 -2.62 19.05 -27.20
CA LEU B 58 -1.28 18.53 -26.99
C LEU B 58 -0.63 19.17 -25.78
N LYS B 59 -0.80 20.48 -25.60
CA LYS B 59 -0.27 21.14 -24.42
C LYS B 59 -0.85 20.55 -23.14
N VAL B 60 -2.17 20.36 -23.12
CA VAL B 60 -2.81 19.82 -21.92
C VAL B 60 -2.28 18.42 -21.61
N PHE B 61 -2.22 17.56 -22.62
CA PHE B 61 -1.74 16.20 -22.39
C PHE B 61 -0.29 16.20 -21.93
N LEU B 62 0.54 17.02 -22.56
CA LEU B 62 1.96 17.04 -22.21
C LEU B 62 2.18 17.55 -20.80
N GLU B 63 1.44 18.57 -20.37
CA GLU B 63 1.64 19.03 -19.00
C GLU B 63 1.08 18.02 -18.00
N ASN B 64 -0.03 17.36 -18.34
CA ASN B 64 -0.58 16.36 -17.42
C ASN B 64 0.35 15.15 -17.29
N VAL B 65 1.17 14.88 -18.30
CA VAL B 65 2.16 13.81 -18.15
C VAL B 65 3.42 14.31 -17.45
N ILE B 66 3.87 15.51 -17.82
CA ILE B 66 5.12 16.05 -17.29
C ILE B 66 5.01 16.30 -15.80
N ARG B 67 3.84 16.71 -15.31
CA ARG B 67 3.68 16.92 -13.88
C ARG B 67 3.99 15.65 -13.10
N ASP B 68 3.42 14.52 -13.53
CA ASP B 68 3.68 13.26 -12.85
C ASP B 68 5.12 12.81 -13.03
N ALA B 69 5.68 13.01 -14.24
CA ALA B 69 7.06 12.59 -14.47
C ALA B 69 8.03 13.36 -13.59
N VAL B 70 7.86 14.67 -13.51
CA VAL B 70 8.70 15.51 -12.66
C VAL B 70 8.48 15.17 -11.20
N THR B 71 7.25 14.82 -10.82
CA THR B 71 7.01 14.38 -9.45
C THR B 71 7.80 13.10 -9.14
N TYR B 72 7.80 12.15 -10.06
CA TYR B 72 8.59 10.93 -9.88
C TYR B 72 10.07 11.25 -9.75
N THR B 73 10.57 12.13 -10.62
CA THR B 73 11.98 12.50 -10.57
C THR B 73 12.33 13.19 -9.26
N GLU B 74 11.48 14.11 -8.81
CA GLU B 74 11.73 14.84 -7.58
C GLU B 74 11.73 13.91 -6.37
N HIS B 75 10.79 12.96 -6.34
CA HIS B 75 10.80 11.96 -5.28
C HIS B 75 12.06 11.10 -5.34
N ALA B 76 12.55 10.84 -6.55
CA ALA B 76 13.80 10.11 -6.69
C ALA B 76 15.02 10.94 -6.30
N LYS B 77 14.82 12.18 -5.84
CA LYS B 77 15.91 13.08 -5.46
C LYS B 77 16.92 13.24 -6.58
N ARG B 78 16.41 13.36 -7.81
CA ARG B 78 17.24 13.53 -9.00
C ARG B 78 16.99 14.90 -9.60
N LYS B 79 17.83 15.25 -10.56
CA LYS B 79 17.64 16.44 -11.37
C LYS B 79 17.53 16.12 -12.85
N THR B 80 17.79 14.88 -13.25
CA THR B 80 17.66 14.44 -14.63
C THR B 80 16.42 13.58 -14.75
N VAL B 81 15.60 13.84 -15.76
CA VAL B 81 14.38 13.08 -15.99
C VAL B 81 14.74 11.89 -16.87
N THR B 82 14.50 10.68 -16.35
CA THR B 82 14.77 9.48 -17.11
C THR B 82 13.57 9.11 -17.96
N ALA B 83 13.81 8.31 -19.01
CA ALA B 83 12.72 7.76 -19.78
C ALA B 83 11.87 6.83 -18.94
N MET B 84 12.51 6.16 -17.98
CA MET B 84 11.80 5.20 -17.14
C MET B 84 10.69 5.88 -16.35
N ASP B 85 10.97 7.08 -15.83
CA ASP B 85 9.97 7.83 -15.09
C ASP B 85 8.81 8.26 -15.98
N VAL B 86 9.11 8.66 -17.22
CA VAL B 86 8.06 9.01 -18.17
C VAL B 86 7.17 7.82 -18.45
N VAL B 87 7.78 6.65 -18.63
CA VAL B 87 7.00 5.43 -18.85
C VAL B 87 6.10 5.16 -17.65
N TYR B 88 6.64 5.34 -16.43
CA TYR B 88 5.84 5.02 -15.25
C TYR B 88 4.66 5.98 -15.12
N ALA B 89 4.92 7.26 -15.37
CA ALA B 89 3.85 8.27 -15.32
C ALA B 89 2.78 7.98 -16.37
N LEU B 90 3.20 7.55 -17.56
CA LEU B 90 2.23 7.14 -18.57
C LEU B 90 1.41 5.95 -18.10
N LYS B 91 2.07 4.99 -17.43
CA LYS B 91 1.34 3.85 -16.89
C LYS B 91 0.33 4.28 -15.84
N ARG B 92 0.61 5.36 -15.11
CA ARG B 92 -0.33 5.83 -14.10
C ARG B 92 -1.64 6.31 -14.72
N GLN B 93 -1.59 6.87 -15.92
CA GLN B 93 -2.77 7.43 -16.57
C GLN B 93 -3.52 6.43 -17.41
N GLY B 94 -3.11 5.17 -17.41
CA GLY B 94 -3.74 4.15 -18.22
C GLY B 94 -3.20 4.01 -19.61
N ARG B 95 -2.27 4.87 -20.03
CA ARG B 95 -1.62 4.75 -21.33
C ARG B 95 -0.28 4.04 -21.13
N THR B 96 -0.36 2.72 -21.01
CA THR B 96 0.84 1.92 -20.87
C THR B 96 1.66 1.99 -22.16
N LEU B 97 2.97 2.12 -22.01
CA LEU B 97 3.88 2.22 -23.14
C LEU B 97 4.91 1.11 -23.07
N TYR B 98 5.16 0.47 -24.21
CA TYR B 98 6.11 -0.63 -24.31
C TYR B 98 7.31 -0.20 -25.13
N GLY B 99 8.48 -0.71 -24.77
CA GLY B 99 9.69 -0.47 -25.54
C GLY B 99 10.74 0.37 -24.87
N PHE B 100 10.46 0.93 -23.69
CA PHE B 100 11.42 1.76 -22.97
C PHE B 100 11.66 1.22 -21.57
N GLY B 101 11.81 -0.09 -21.44
CA GLY B 101 12.08 -0.70 -20.16
C GLY B 101 10.82 -0.95 -19.35
N GLY B 102 10.97 -1.78 -18.33
CA GLY B 102 9.85 -2.14 -17.47
C GLY B 102 10.10 -1.83 -16.01
N LYS C 13 0.13 7.29 32.23
CA LYS C 13 -1.07 7.42 31.42
C LYS C 13 -0.73 7.49 29.93
N ALA C 14 -1.47 6.74 29.12
CA ALA C 14 -1.24 6.71 27.68
C ALA C 14 -1.81 7.95 27.02
N LYS C 15 -1.05 8.50 26.06
CA LYS C 15 -1.50 9.62 25.23
C LYS C 15 -1.51 9.13 23.79
N THR C 16 -2.70 8.98 23.23
CA THR C 16 -2.85 8.35 21.93
C THR C 16 -2.21 9.20 20.82
N ARG C 17 -1.78 8.53 19.76
CA ARG C 17 -1.04 9.18 18.69
C ARG C 17 -1.90 10.18 17.93
N SER C 18 -3.17 9.83 17.69
CA SER C 18 -4.08 10.71 16.97
C SER C 18 -4.22 12.06 17.68
N SER C 19 -4.46 12.02 19.00
CA SER C 19 -4.49 13.27 19.77
C SER C 19 -3.11 13.90 19.82
N ARG C 20 -2.06 13.09 19.84
CA ARG C 20 -0.70 13.63 19.82
C ARG C 20 -0.45 14.39 18.53
N ALA C 21 -0.96 13.90 17.41
CA ALA C 21 -0.85 14.58 16.14
C ALA C 21 -2.04 15.48 15.85
N GLY C 22 -2.99 15.58 16.78
CA GLY C 22 -4.16 16.42 16.57
C GLY C 22 -5.06 15.94 15.45
N LEU C 23 -5.29 14.64 15.36
CA LEU C 23 -6.07 14.05 14.29
C LEU C 23 -7.12 13.20 14.99
N GLN C 24 -8.20 12.92 14.25
CA GLN C 24 -9.33 12.13 14.82
C GLN C 24 -9.31 10.72 14.23
N PHE C 25 -9.02 10.57 12.92
CA PHE C 25 -8.95 9.25 12.32
C PHE C 25 -7.86 8.52 13.10
N PRO C 26 -8.05 7.24 13.39
CA PRO C 26 -7.11 6.53 14.25
C PRO C 26 -5.80 6.25 13.55
N VAL C 27 -4.73 6.91 14.01
CA VAL C 27 -3.42 6.68 13.41
C VAL C 27 -2.99 5.23 13.61
N GLY C 28 -3.32 4.66 14.77
CA GLY C 28 -2.97 3.27 15.02
C GLY C 28 -3.64 2.31 14.07
N ARG C 29 -4.93 2.55 13.77
CA ARG C 29 -5.64 1.66 12.85
C ARG C 29 -5.10 1.77 11.44
N VAL C 30 -4.83 3.00 10.98
CA VAL C 30 -4.23 3.17 9.66
C VAL C 30 -2.90 2.47 9.59
N HIS C 31 -2.10 2.56 10.66
CA HIS C 31 -0.82 1.88 10.71
C HIS C 31 -1.00 0.36 10.66
N ARG C 32 -1.99 -0.15 11.39
CA ARG C 32 -2.25 -1.60 11.39
C ARG C 32 -2.60 -2.08 9.99
N LEU C 33 -3.55 -1.41 9.32
CA LEU C 33 -3.89 -1.83 7.96
C LEU C 33 -2.74 -1.63 6.98
N LEU C 34 -1.90 -0.61 7.20
CA LEU C 34 -0.75 -0.43 6.33
C LEU C 34 0.23 -1.59 6.45
N ARG C 35 0.48 -2.04 7.69
CA ARG C 35 1.35 -3.20 7.87
C ARG C 35 0.70 -4.47 7.34
N LYS C 36 -0.55 -4.73 7.73
CA LYS C 36 -1.21 -5.98 7.39
C LYS C 36 -1.51 -6.06 5.90
N GLY C 37 -1.73 -4.93 5.26
CA GLY C 37 -2.09 -4.91 3.84
C GLY C 37 -0.99 -5.39 2.92
N ASN C 38 0.21 -5.64 3.44
CA ASN C 38 1.36 -6.11 2.67
C ASN C 38 1.70 -5.11 1.56
N TYR C 39 2.08 -3.91 1.98
CA TYR C 39 2.59 -2.89 1.07
C TYR C 39 4.10 -2.81 1.09
N ALA C 40 4.70 -3.02 2.26
CA ALA C 40 6.13 -3.23 2.41
C ALA C 40 6.34 -3.88 3.76
N GLU C 41 7.47 -4.57 3.91
CA GLU C 41 7.71 -5.30 5.15
C GLU C 41 7.95 -4.36 6.33
N ARG C 42 8.36 -3.12 6.01
CA ARG C 42 8.59 -2.09 7.06
C ARG C 42 7.77 -0.85 6.72
N VAL C 43 7.13 -0.25 7.72
CA VAL C 43 6.36 0.97 7.55
C VAL C 43 6.93 2.02 8.50
N GLY C 44 7.25 3.19 7.95
CA GLY C 44 7.83 4.25 8.76
C GLY C 44 6.84 4.80 9.78
N ALA C 45 7.38 5.56 10.72
CA ALA C 45 6.56 6.06 11.81
C ALA C 45 5.62 7.17 11.35
N GLY C 46 6.13 8.10 10.54
CA GLY C 46 5.33 9.26 10.16
C GLY C 46 4.36 9.03 9.03
N ALA C 47 4.55 7.97 8.25
CA ALA C 47 3.69 7.73 7.09
C ALA C 47 2.23 7.52 7.46
N PRO C 48 1.88 6.70 8.46
CA PRO C 48 0.46 6.62 8.84
C PRO C 48 -0.12 7.93 9.33
N VAL C 49 0.69 8.77 9.99
CA VAL C 49 0.22 10.07 10.42
C VAL C 49 -0.10 10.94 9.21
N TYR C 50 0.79 10.94 8.21
CA TYR C 50 0.54 11.71 6.99
C TYR C 50 -0.71 11.21 6.28
N LEU C 51 -0.88 9.89 6.20
CA LEU C 51 -2.06 9.33 5.55
C LEU C 51 -3.33 9.73 6.29
N ALA C 52 -3.31 9.67 7.63
CA ALA C 52 -4.49 10.05 8.40
C ALA C 52 -4.81 11.52 8.21
N ALA C 53 -3.78 12.37 8.13
CA ALA C 53 -4.03 13.80 7.89
C ALA C 53 -4.68 14.03 6.53
N VAL C 54 -4.19 13.33 5.50
CA VAL C 54 -4.78 13.49 4.17
C VAL C 54 -6.23 13.04 4.20
N LEU C 55 -6.51 11.93 4.87
CA LEU C 55 -7.89 11.45 4.98
C LEU C 55 -8.76 12.47 5.72
N GLU C 56 -8.22 13.07 6.79
CA GLU C 56 -8.94 14.14 7.48
C GLU C 56 -9.30 15.26 6.53
N TYR C 57 -8.34 15.72 5.72
CA TYR C 57 -8.65 16.84 4.85
C TYR C 57 -9.73 16.48 3.83
N LEU C 58 -9.61 15.30 3.22
CA LEU C 58 -10.62 14.90 2.22
C LEU C 58 -12.00 14.76 2.85
N THR C 59 -12.08 14.12 4.01
CA THR C 59 -13.36 13.95 4.67
C THR C 59 -13.94 15.29 5.09
N ALA C 60 -13.12 16.20 5.59
CA ALA C 60 -13.61 17.52 5.98
C ALA C 60 -14.16 18.27 4.78
N GLU C 61 -13.45 18.21 3.65
CA GLU C 61 -13.95 18.87 2.44
C GLU C 61 -15.28 18.30 2.00
N ILE C 62 -15.37 16.97 1.92
CA ILE C 62 -16.60 16.38 1.38
C ILE C 62 -17.77 16.58 2.34
N LEU C 63 -17.53 16.55 3.65
CA LEU C 63 -18.63 16.79 4.57
C LEU C 63 -19.06 18.25 4.62
N GLU C 64 -18.13 19.20 4.51
CA GLU C 64 -18.59 20.60 4.50
C GLU C 64 -19.39 20.89 3.24
N LEU C 65 -18.95 20.37 2.09
CA LEU C 65 -19.73 20.57 0.87
C LEU C 65 -21.09 19.86 0.94
N ALA C 66 -21.11 18.65 1.50
CA ALA C 66 -22.38 17.95 1.64
C ALA C 66 -23.32 18.68 2.58
N GLY C 67 -22.79 19.23 3.67
CA GLY C 67 -23.62 20.00 4.58
C GLY C 67 -24.17 21.26 3.95
N ASN C 68 -23.36 21.94 3.14
CA ASN C 68 -23.85 23.10 2.41
C ASN C 68 -24.98 22.71 1.47
N ALA C 69 -24.82 21.60 0.75
CA ALA C 69 -25.87 21.14 -0.15
C ALA C 69 -27.13 20.75 0.62
N ALA C 70 -26.97 20.09 1.76
CA ALA C 70 -28.12 19.67 2.56
C ALA C 70 -28.89 20.87 3.09
N ARG C 71 -28.18 21.89 3.59
CA ARG C 71 -28.88 23.09 4.05
C ARG C 71 -29.51 23.84 2.89
N ASP C 72 -28.92 23.75 1.70
CA ASP C 72 -29.54 24.35 0.52
C ASP C 72 -30.93 23.76 0.26
N ASN C 73 -31.10 22.46 0.52
CA ASN C 73 -32.38 21.80 0.31
C ASN C 73 -33.22 21.73 1.59
N LYS C 74 -32.92 22.58 2.57
CA LYS C 74 -33.67 22.65 3.82
C LYS C 74 -33.68 21.29 4.54
N LYS C 75 -32.59 20.56 4.43
CA LYS C 75 -32.48 19.23 4.98
C LYS C 75 -31.40 19.20 6.06
N THR C 76 -31.72 18.64 7.21
CA THR C 76 -30.78 18.57 8.32
C THR C 76 -29.99 17.27 8.34
N ARG C 77 -30.20 16.39 7.37
CA ARG C 77 -29.46 15.14 7.26
C ARG C 77 -28.66 15.14 5.96
N ILE C 78 -27.73 14.21 5.88
CA ILE C 78 -26.95 13.97 4.67
C ILE C 78 -27.45 12.68 4.04
N ILE C 79 -27.85 12.75 2.78
CA ILE C 79 -28.38 11.61 2.05
C ILE C 79 -27.50 11.43 0.81
N PRO C 80 -27.51 10.23 0.21
CA PRO C 80 -26.66 10.02 -0.98
C PRO C 80 -26.89 11.01 -2.09
N ARG C 81 -28.11 11.56 -2.22
CA ARG C 81 -28.32 12.64 -3.17
C ARG C 81 -27.44 13.83 -2.84
N HIS C 82 -27.35 14.19 -1.56
CA HIS C 82 -26.50 15.31 -1.16
C HIS C 82 -25.04 15.03 -1.50
N LEU C 83 -24.55 13.83 -1.20
CA LEU C 83 -23.15 13.52 -1.48
C LEU C 83 -22.86 13.55 -2.98
N GLN C 84 -23.75 12.96 -3.79
CA GLN C 84 -23.55 12.98 -5.23
C GLN C 84 -23.58 14.40 -5.77
N LEU C 85 -24.52 15.22 -5.30
CA LEU C 85 -24.61 16.59 -5.77
C LEU C 85 -23.37 17.38 -5.40
N ALA C 86 -22.90 17.23 -4.15
CA ALA C 86 -21.71 17.95 -3.72
C ALA C 86 -20.49 17.51 -4.51
N ILE C 87 -20.36 16.22 -4.78
CA ILE C 87 -19.23 15.74 -5.57
C ILE C 87 -19.29 16.30 -6.97
N ARG C 88 -20.46 16.30 -7.60
CA ARG C 88 -20.54 16.70 -9.00
C ARG C 88 -20.43 18.20 -9.20
N ASN C 89 -20.95 19.02 -8.28
CA ASN C 89 -20.81 20.47 -8.45
C ASN C 89 -19.36 20.91 -8.31
N ASP C 90 -18.63 20.35 -7.35
CA ASP C 90 -17.22 20.70 -7.19
C ASP C 90 -16.42 20.18 -8.36
N GLU C 91 -15.34 20.89 -8.69
CA GLU C 91 -14.53 20.54 -9.86
C GLU C 91 -13.46 19.52 -9.51
N GLU C 92 -12.59 19.84 -8.54
CA GLU C 92 -11.48 18.97 -8.22
C GLU C 92 -11.94 17.65 -7.62
N LEU C 93 -13.00 17.66 -6.82
CA LEU C 93 -13.57 16.41 -6.34
C LEU C 93 -14.10 15.58 -7.50
N ASN C 94 -14.72 16.23 -8.48
CA ASN C 94 -15.22 15.50 -9.65
C ASN C 94 -14.08 14.86 -10.41
N LYS C 95 -12.98 15.58 -10.60
CA LYS C 95 -11.82 15.01 -11.27
C LYS C 95 -11.25 13.83 -10.49
N LEU C 96 -11.16 13.96 -9.17
CA LEU C 96 -10.71 12.86 -8.34
C LEU C 96 -11.63 11.65 -8.46
N LEU C 97 -12.93 11.90 -8.52
CA LEU C 97 -13.94 10.85 -8.56
C LEU C 97 -14.61 10.77 -9.93
N GLY C 98 -13.81 10.84 -11.00
CA GLY C 98 -14.37 10.88 -12.34
C GLY C 98 -14.93 9.56 -12.83
N LYS C 99 -14.53 8.44 -12.23
CA LYS C 99 -14.89 7.10 -12.69
C LYS C 99 -15.66 6.34 -11.63
N VAL C 100 -16.62 7.00 -10.99
CA VAL C 100 -17.37 6.39 -9.89
C VAL C 100 -18.85 6.69 -10.03
N THR C 101 -19.68 5.71 -9.73
CA THR C 101 -21.09 5.93 -9.48
C THR C 101 -21.37 5.90 -7.98
N ILE C 102 -22.41 6.63 -7.58
CA ILE C 102 -22.85 6.69 -6.20
C ILE C 102 -24.21 6.01 -6.12
N ALA C 103 -24.32 5.01 -5.25
CA ALA C 103 -25.59 4.32 -5.07
C ALA C 103 -26.65 5.28 -4.53
N GLN C 104 -27.83 5.24 -5.13
CA GLN C 104 -28.95 6.10 -4.75
C GLN C 104 -28.59 7.58 -4.87
N GLY C 105 -27.72 7.92 -5.80
CA GLY C 105 -27.22 9.27 -5.90
C GLY C 105 -27.93 10.16 -6.90
N GLY C 106 -28.62 9.56 -7.86
CA GLY C 106 -29.23 10.38 -8.88
C GLY C 106 -28.20 10.98 -9.81
N VAL C 107 -28.62 12.02 -10.53
CA VAL C 107 -27.75 12.72 -11.47
C VAL C 107 -27.89 14.21 -11.24
N LEU C 108 -26.85 14.95 -11.61
CA LEU C 108 -26.88 16.40 -11.52
C LEU C 108 -27.88 16.95 -12.55
N PRO C 109 -28.75 17.88 -12.16
CA PRO C 109 -29.71 18.45 -13.12
C PRO C 109 -28.98 19.22 -14.21
N ASN C 110 -29.18 18.79 -15.45
CA ASN C 110 -28.49 19.41 -16.58
C ASN C 110 -29.33 19.20 -17.83
N ILE C 111 -29.75 20.30 -18.45
CA ILE C 111 -30.57 20.27 -19.66
C ILE C 111 -29.82 21.00 -20.76
N GLN C 112 -29.65 20.35 -21.90
CA GLN C 112 -28.93 20.96 -23.01
C GLN C 112 -29.73 22.14 -23.59
N ALA C 113 -29.00 23.09 -24.16
CA ALA C 113 -29.61 24.35 -24.59
C ALA C 113 -30.62 24.16 -25.71
N VAL C 114 -30.29 23.33 -26.70
CA VAL C 114 -31.17 23.18 -27.86
C VAL C 114 -32.48 22.46 -27.51
N LEU C 115 -32.51 21.73 -26.39
CA LEU C 115 -33.74 21.06 -26.00
C LEU C 115 -34.77 22.00 -25.42
N LEU C 116 -34.37 23.20 -25.01
CA LEU C 116 -35.31 24.17 -24.46
C LEU C 116 -36.19 24.74 -25.59
N PRO C 117 -37.46 25.02 -25.30
CA PRO C 117 -38.34 25.58 -26.33
C PRO C 117 -37.93 26.98 -26.71
N LYS C 118 -38.22 27.34 -27.96
CA LYS C 118 -37.91 28.67 -28.47
C LYS C 118 -38.98 29.68 -28.07
N SER D 32 -18.58 -11.78 14.86
CA SER D 32 -17.81 -10.94 13.97
C SER D 32 -17.70 -9.52 14.49
N ARG D 33 -16.62 -8.82 14.13
CA ARG D 33 -16.39 -7.44 14.54
C ARG D 33 -16.05 -6.62 13.29
N LYS D 34 -17.07 -6.11 12.63
CA LYS D 34 -16.89 -5.31 11.42
C LYS D 34 -16.44 -3.91 11.81
N GLU D 35 -15.20 -3.56 11.47
CA GLU D 35 -14.67 -2.25 11.78
C GLU D 35 -14.96 -1.28 10.64
N SER D 36 -14.97 0.00 10.98
CA SER D 36 -15.30 1.04 10.00
C SER D 36 -14.82 2.37 10.56
N TYR D 37 -15.08 3.44 9.80
CA TYR D 37 -14.73 4.79 10.19
C TYR D 37 -15.95 5.64 10.51
N SER D 38 -17.06 5.00 10.90
CA SER D 38 -18.31 5.71 11.08
C SER D 38 -18.21 6.73 12.22
N VAL D 39 -17.67 6.31 13.37
CA VAL D 39 -17.58 7.21 14.51
C VAL D 39 -16.63 8.37 14.20
N TYR D 40 -15.57 8.10 13.44
CA TYR D 40 -14.59 9.13 13.14
C TYR D 40 -15.15 10.15 12.17
N VAL D 41 -15.90 9.68 11.16
CA VAL D 41 -16.60 10.59 10.26
C VAL D 41 -17.62 11.43 11.03
N TYR D 42 -18.29 10.81 12.01
CA TYR D 42 -19.22 11.56 12.85
C TYR D 42 -18.51 12.65 13.63
N LYS D 43 -17.32 12.34 14.17
CA LYS D 43 -16.56 13.34 14.90
C LYS D 43 -16.13 14.50 14.01
N VAL D 44 -15.73 14.20 12.77
CA VAL D 44 -15.39 15.27 11.84
C VAL D 44 -16.62 16.11 11.52
N LEU D 45 -17.77 15.45 11.35
CA LEU D 45 -19.00 16.15 11.04
C LEU D 45 -19.40 17.09 12.17
N LYS D 46 -19.20 16.66 13.41
CA LYS D 46 -19.55 17.53 14.53
C LYS D 46 -18.66 18.76 14.64
N GLN D 47 -17.42 18.71 14.16
CA GLN D 47 -16.59 19.90 14.17
C GLN D 47 -16.68 20.70 12.87
N VAL D 48 -17.37 20.18 11.86
CA VAL D 48 -17.62 20.93 10.63
C VAL D 48 -19.00 21.59 10.65
N HIS D 49 -20.05 20.78 10.73
CA HIS D 49 -21.44 21.30 10.84
C HIS D 49 -22.02 20.76 12.15
N PRO D 50 -21.93 21.50 13.28
CA PRO D 50 -22.33 20.96 14.59
C PRO D 50 -23.79 20.53 14.67
N ASP D 51 -24.65 21.04 13.79
CA ASP D 51 -26.09 20.81 13.88
C ASP D 51 -26.63 20.11 12.64
N THR D 52 -25.90 19.12 12.14
CA THR D 52 -26.31 18.40 10.94
C THR D 52 -26.27 16.90 11.21
N GLY D 53 -27.39 16.22 10.94
CA GLY D 53 -27.45 14.77 11.05
C GLY D 53 -26.98 14.10 9.77
N ILE D 54 -26.99 12.77 9.79
CA ILE D 54 -26.50 12.00 8.65
C ILE D 54 -27.12 10.61 8.71
N SER D 55 -27.46 10.08 7.55
CA SER D 55 -28.15 8.80 7.43
C SER D 55 -27.16 7.64 7.36
N SER D 56 -27.68 6.44 7.60
CA SER D 56 -26.85 5.24 7.60
C SER D 56 -26.28 4.96 6.21
N LYS D 57 -27.09 5.18 5.16
CA LYS D 57 -26.59 4.97 3.80
C LYS D 57 -25.44 5.93 3.50
N ALA D 58 -25.57 7.18 3.91
CA ALA D 58 -24.50 8.14 3.72
C ALA D 58 -23.26 7.75 4.51
N MET D 59 -23.45 7.22 5.72
CA MET D 59 -22.30 6.74 6.50
C MET D 59 -21.60 5.59 5.79
N GLY D 60 -22.36 4.65 5.24
CA GLY D 60 -21.75 3.56 4.51
C GLY D 60 -20.98 4.05 3.29
N ILE D 61 -21.55 5.02 2.58
CA ILE D 61 -20.86 5.60 1.43
C ILE D 61 -19.57 6.28 1.86
N MET D 62 -19.61 7.00 2.98
CA MET D 62 -18.41 7.68 3.47
C MET D 62 -17.34 6.68 3.88
N ASN D 63 -17.73 5.60 4.55
CA ASN D 63 -16.75 4.59 4.94
C ASN D 63 -16.10 3.95 3.72
N SER D 64 -16.91 3.65 2.70
CA SER D 64 -16.32 3.04 1.51
C SER D 64 -15.44 4.04 0.78
N PHE D 65 -15.79 5.33 0.81
CA PHE D 65 -14.93 6.35 0.23
C PHE D 65 -13.59 6.41 0.94
N VAL D 66 -13.60 6.36 2.26
CA VAL D 66 -12.36 6.36 3.03
C VAL D 66 -11.52 5.14 2.66
N ASN D 67 -12.16 3.98 2.55
CA ASN D 67 -11.43 2.77 2.19
C ASN D 67 -10.82 2.88 0.79
N ASP D 68 -11.56 3.44 -0.16
CA ASP D 68 -11.04 3.57 -1.52
C ASP D 68 -9.84 4.50 -1.57
N ILE D 69 -9.96 5.68 -0.96
CA ILE D 69 -8.84 6.62 -1.00
C ILE D 69 -7.63 6.04 -0.28
N PHE D 70 -7.87 5.37 0.85
CA PHE D 70 -6.79 4.72 1.57
C PHE D 70 -6.08 3.69 0.70
N GLU D 71 -6.85 2.87 -0.01
CA GLU D 71 -6.25 1.82 -0.81
C GLU D 71 -5.47 2.39 -1.98
N ARG D 72 -6.01 3.43 -2.63
CA ARG D 72 -5.28 4.08 -3.72
C ARG D 72 -3.95 4.64 -3.23
N ILE D 73 -3.99 5.40 -2.13
CA ILE D 73 -2.78 6.08 -1.67
C ILE D 73 -1.75 5.05 -1.18
N ALA D 74 -2.21 4.06 -0.43
CA ALA D 74 -1.28 3.03 0.06
C ALA D 74 -0.68 2.25 -1.10
N GLY D 75 -1.50 1.92 -2.11
CA GLY D 75 -0.97 1.19 -3.26
C GLY D 75 0.08 1.97 -4.00
N GLU D 76 -0.17 3.26 -4.23
CA GLU D 76 0.83 4.06 -4.94
C GLU D 76 2.08 4.28 -4.10
N ALA D 77 1.91 4.46 -2.78
CA ALA D 77 3.07 4.64 -1.91
C ALA D 77 3.94 3.39 -1.91
N SER D 78 3.33 2.21 -1.82
CA SER D 78 4.09 0.98 -1.92
C SER D 78 4.70 0.81 -3.30
N ARG D 79 4.03 1.35 -4.32
CA ARG D 79 4.50 1.22 -5.68
C ARG D 79 5.79 2.01 -5.89
N LEU D 80 5.84 3.23 -5.33
CA LEU D 80 7.09 3.98 -5.32
C LEU D 80 8.22 3.23 -4.61
N ALA D 81 7.89 2.50 -3.55
CA ALA D 81 8.91 1.77 -2.81
C ALA D 81 9.60 0.75 -3.70
N HIS D 82 8.82 0.05 -4.53
CA HIS D 82 9.43 -0.83 -5.51
C HIS D 82 10.15 -0.06 -6.60
N TYR D 83 9.61 1.08 -7.03
CA TYR D 83 10.22 1.77 -8.16
C TYR D 83 11.59 2.34 -7.82
N ASN D 84 11.78 2.76 -6.58
CA ASN D 84 13.08 3.26 -6.15
C ASN D 84 13.89 2.21 -5.41
N LYS D 85 13.42 0.96 -5.39
CA LYS D 85 14.06 -0.15 -4.67
C LYS D 85 14.16 0.13 -3.18
N ARG D 86 13.19 0.86 -2.62
CA ARG D 86 13.17 1.14 -1.20
C ARG D 86 12.39 0.04 -0.51
N SER D 87 12.91 -0.45 0.63
CA SER D 87 12.26 -1.60 1.31
C SER D 87 11.23 -1.15 2.36
N THR D 88 11.03 0.16 2.52
CA THR D 88 10.12 0.65 3.55
C THR D 88 9.30 1.81 3.02
N ILE D 89 8.26 2.16 3.77
CA ILE D 89 7.39 3.29 3.44
C ILE D 89 7.62 4.39 4.46
N THR D 90 8.14 5.53 4.03
CA THR D 90 8.32 6.67 4.90
C THR D 90 7.25 7.70 4.61
N SER D 91 7.31 8.82 5.33
CA SER D 91 6.29 9.86 5.19
C SER D 91 6.42 10.64 3.90
N ARG D 92 7.51 10.50 3.14
CA ARG D 92 7.64 11.22 1.89
C ARG D 92 7.06 10.45 0.71
N GLU D 93 7.02 9.12 0.77
CA GLU D 93 6.32 8.37 -0.27
C GLU D 93 4.83 8.67 -0.26
N ILE D 94 4.25 8.81 0.94
CA ILE D 94 2.84 9.17 1.04
C ILE D 94 2.60 10.54 0.42
N GLN D 95 3.50 11.50 0.69
CA GLN D 95 3.37 12.83 0.11
C GLN D 95 3.46 12.78 -1.41
N THR D 96 4.40 12.00 -1.94
CA THR D 96 4.52 11.88 -3.39
C THR D 96 3.27 11.24 -3.99
N ALA D 97 2.73 10.22 -3.32
CA ALA D 97 1.51 9.58 -3.80
C ALA D 97 0.33 10.57 -3.79
N VAL D 98 0.25 11.40 -2.76
CA VAL D 98 -0.82 12.40 -2.70
C VAL D 98 -0.66 13.41 -3.84
N ARG D 99 0.57 13.86 -4.09
CA ARG D 99 0.80 14.78 -5.20
C ARG D 99 0.47 14.14 -6.54
N LEU D 100 0.66 12.83 -6.67
CA LEU D 100 0.32 12.16 -7.91
C LEU D 100 -1.19 11.98 -8.08
N LEU D 101 -1.90 11.68 -6.99
CA LEU D 101 -3.31 11.34 -7.09
C LEU D 101 -4.20 12.57 -7.04
N LEU D 102 -4.11 13.34 -5.97
CA LEU D 102 -5.02 14.46 -5.74
C LEU D 102 -4.76 15.56 -6.77
N PRO D 103 -5.78 16.01 -7.50
CA PRO D 103 -5.55 17.06 -8.51
C PRO D 103 -5.76 18.46 -7.96
N GLY D 104 -4.92 19.38 -8.44
CA GLY D 104 -5.15 20.79 -8.17
C GLY D 104 -4.92 21.16 -6.72
N GLU D 105 -5.73 22.11 -6.23
CA GLU D 105 -5.52 22.69 -4.91
C GLU D 105 -5.70 21.68 -3.79
N LEU D 106 -6.40 20.58 -4.03
CA LEU D 106 -6.46 19.51 -3.04
C LEU D 106 -5.06 18.99 -2.75
N ALA D 107 -4.23 18.83 -3.78
CA ALA D 107 -2.86 18.37 -3.56
C ALA D 107 -2.10 19.34 -2.66
N LYS D 108 -2.21 20.64 -2.95
CA LYS D 108 -1.48 21.64 -2.16
C LYS D 108 -1.94 21.63 -0.71
N HIS D 109 -3.25 21.65 -0.49
CA HIS D 109 -3.75 21.74 0.86
C HIS D 109 -3.53 20.45 1.64
N ALA D 110 -3.66 19.30 0.98
CA ALA D 110 -3.38 18.04 1.65
C ALA D 110 -1.91 17.91 2.01
N VAL D 111 -1.01 18.37 1.12
CA VAL D 111 0.41 18.37 1.45
C VAL D 111 0.67 19.26 2.65
N SER D 112 0.05 20.45 2.68
CA SER D 112 0.24 21.34 3.82
C SER D 112 -0.30 20.71 5.10
N GLU D 113 -1.46 20.09 5.04
CA GLU D 113 -2.04 19.44 6.21
C GLU D 113 -1.17 18.30 6.71
N GLY D 114 -0.66 17.47 5.79
CA GLY D 114 0.19 16.38 6.19
C GLY D 114 1.50 16.84 6.80
N THR D 115 2.10 17.87 6.21
CA THR D 115 3.34 18.42 6.75
C THR D 115 3.11 18.99 8.14
N LYS D 116 2.00 19.71 8.32
CA LYS D 116 1.67 20.24 9.64
C LYS D 116 1.47 19.11 10.65
N ALA D 117 0.77 18.05 10.25
CA ALA D 117 0.50 16.95 11.16
C ALA D 117 1.78 16.22 11.56
N VAL D 118 2.64 15.93 10.59
CA VAL D 118 3.87 15.20 10.92
C VAL D 118 4.79 16.07 11.76
N THR D 119 4.83 17.38 11.47
CA THR D 119 5.65 18.28 12.28
C THR D 119 5.13 18.33 13.71
N LYS D 120 3.82 18.37 13.88
CA LYS D 120 3.26 18.40 15.23
C LYS D 120 3.50 17.10 15.96
N TYR D 121 3.44 15.97 15.24
CA TYR D 121 3.69 14.68 15.88
C TYR D 121 5.15 14.55 16.31
N THR D 122 6.09 14.97 15.45
CA THR D 122 7.50 14.93 15.83
C THR D 122 7.79 15.86 16.99
N SER D 123 7.24 17.08 16.95
CA SER D 123 7.40 18.02 18.06
C SER D 123 6.38 17.67 19.15
N SER D 124 6.62 16.52 19.78
CA SER D 124 5.71 15.98 20.78
C SER D 124 5.85 16.73 22.11
N PRO E 38 -61.10 19.92 -25.15
CA PRO E 38 -60.03 19.00 -24.71
C PRO E 38 -58.65 19.62 -24.88
N HIS E 39 -58.16 20.25 -23.82
CA HIS E 39 -56.86 20.90 -23.88
C HIS E 39 -55.74 19.86 -23.96
N ARG E 40 -54.78 20.11 -24.84
CA ARG E 40 -53.66 19.20 -25.06
C ARG E 40 -52.36 19.99 -25.02
N TYR E 41 -51.33 19.36 -24.48
CA TYR E 41 -50.04 20.02 -24.33
C TYR E 41 -49.26 20.03 -25.64
N ARG E 42 -48.23 20.86 -25.68
CA ARG E 42 -47.20 20.75 -26.69
C ARG E 42 -46.53 19.39 -26.57
N PRO E 43 -46.29 18.68 -27.69
CA PRO E 43 -45.70 17.34 -27.60
C PRO E 43 -44.35 17.28 -26.90
N GLY E 44 -43.60 18.38 -26.87
CA GLY E 44 -42.29 18.36 -26.23
C GLY E 44 -42.28 18.82 -24.78
N THR E 45 -43.30 19.60 -24.39
CA THR E 45 -43.29 20.19 -23.05
C THR E 45 -43.44 19.12 -21.97
N VAL E 46 -44.31 18.13 -22.19
CA VAL E 46 -44.44 17.03 -21.25
C VAL E 46 -43.13 16.28 -21.13
N ALA E 47 -42.40 16.15 -22.24
CA ALA E 47 -41.10 15.50 -22.21
C ALA E 47 -40.12 16.24 -21.31
N LEU E 48 -40.08 17.57 -21.40
CA LEU E 48 -39.16 18.33 -20.56
C LEU E 48 -39.61 18.32 -19.10
N ARG E 49 -40.92 18.33 -18.85
CA ARG E 49 -41.43 18.10 -17.51
C ARG E 49 -40.91 16.78 -16.97
N GLU E 50 -40.94 15.74 -17.81
CA GLU E 50 -40.47 14.43 -17.42
C GLU E 50 -38.98 14.44 -17.12
N ILE E 51 -38.21 15.19 -17.94
CA ILE E 51 -36.77 15.36 -17.70
C ILE E 51 -36.55 15.92 -16.30
N ARG E 52 -37.25 17.02 -15.98
CA ARG E 52 -37.04 17.67 -14.70
C ARG E 52 -37.47 16.76 -13.55
N ARG E 53 -38.58 16.05 -13.73
CA ARG E 53 -39.07 15.17 -12.68
C ARG E 53 -38.09 14.03 -12.38
N TYR E 54 -37.51 13.44 -13.43
CA TYR E 54 -36.64 12.29 -13.21
C TYR E 54 -35.19 12.67 -12.99
N GLN E 55 -34.84 13.95 -13.16
CA GLN E 55 -33.54 14.42 -12.70
C GLN E 55 -33.62 15.05 -11.31
N LYS E 56 -34.82 15.32 -10.81
CA LYS E 56 -34.97 15.86 -9.47
C LYS E 56 -34.80 14.76 -8.42
N SER E 57 -35.48 13.62 -8.63
CA SER E 57 -35.52 12.56 -7.63
C SER E 57 -34.46 11.50 -7.93
N THR E 58 -34.45 10.42 -7.14
CA THR E 58 -33.38 9.44 -7.24
C THR E 58 -33.87 8.00 -7.09
N GLU E 59 -35.10 7.72 -7.49
CA GLU E 59 -35.64 6.36 -7.35
C GLU E 59 -35.00 5.46 -8.41
N LEU E 60 -35.49 4.21 -8.48
CA LEU E 60 -34.79 3.21 -9.27
C LEU E 60 -35.12 3.30 -10.77
N LEU E 61 -36.39 3.53 -11.12
CA LEU E 61 -36.93 3.67 -12.47
C LEU E 61 -37.05 2.33 -13.19
N ILE E 62 -36.59 1.22 -12.62
CA ILE E 62 -36.74 -0.10 -13.22
C ILE E 62 -37.39 -1.02 -12.20
N ARG E 63 -38.40 -1.77 -12.63
CA ARG E 63 -39.05 -2.72 -11.74
C ARG E 63 -38.06 -3.78 -11.28
N LYS E 64 -38.10 -4.07 -9.98
CA LYS E 64 -37.06 -4.91 -9.37
C LYS E 64 -37.17 -6.36 -9.83
N LEU E 65 -38.38 -6.93 -9.78
CA LEU E 65 -38.51 -8.36 -10.02
C LEU E 65 -38.16 -8.76 -11.45
N PRO E 66 -38.61 -8.05 -12.51
CA PRO E 66 -38.15 -8.42 -13.85
C PRO E 66 -36.65 -8.32 -14.02
N PHE E 67 -36.02 -7.31 -13.42
CA PHE E 67 -34.56 -7.20 -13.51
C PHE E 67 -33.90 -8.38 -12.80
N GLN E 68 -34.43 -8.78 -11.65
CA GLN E 68 -33.90 -9.95 -10.95
C GLN E 68 -34.03 -11.20 -11.80
N ARG E 69 -35.18 -11.37 -12.45
CA ARG E 69 -35.36 -12.52 -13.34
C ARG E 69 -34.35 -12.50 -14.48
N LEU E 70 -34.11 -11.32 -15.06
CA LEU E 70 -33.13 -11.20 -16.12
C LEU E 70 -31.74 -11.57 -15.63
N VAL E 71 -31.37 -11.09 -14.44
CA VAL E 71 -30.05 -11.39 -13.89
C VAL E 71 -29.88 -12.88 -13.68
N ARG E 72 -30.91 -13.54 -13.13
CA ARG E 72 -30.81 -14.98 -12.92
C ARG E 72 -30.75 -15.73 -14.24
N GLU E 73 -31.47 -15.27 -15.26
CA GLU E 73 -31.40 -15.89 -16.57
C GLU E 73 -30.00 -15.76 -17.17
N ILE E 74 -29.38 -14.60 -17.02
CA ILE E 74 -28.00 -14.45 -17.50
C ILE E 74 -27.06 -15.36 -16.70
N ALA E 75 -27.29 -15.47 -15.39
CA ALA E 75 -26.37 -16.20 -14.54
C ALA E 75 -26.49 -17.72 -14.67
N GLN E 76 -27.62 -18.23 -15.15
CA GLN E 76 -27.77 -19.68 -15.18
C GLN E 76 -26.81 -20.34 -16.16
N ASP E 77 -26.46 -19.66 -17.25
CA ASP E 77 -25.60 -20.28 -18.25
C ASP E 77 -24.18 -20.47 -17.78
N PHE E 78 -23.67 -19.59 -16.92
CA PHE E 78 -22.32 -19.73 -16.40
C PHE E 78 -22.23 -20.80 -15.32
N LYS E 79 -23.24 -20.89 -14.46
CA LYS E 79 -23.21 -21.87 -13.38
C LYS E 79 -24.65 -22.14 -12.96
N THR E 80 -25.12 -23.34 -13.21
CA THR E 80 -26.49 -23.70 -12.85
C THR E 80 -26.63 -23.82 -11.33
N ASP E 81 -27.87 -23.67 -10.86
CA ASP E 81 -28.21 -23.77 -9.44
C ASP E 81 -27.39 -22.79 -8.60
N LEU E 82 -27.52 -21.51 -8.95
CA LEU E 82 -26.76 -20.44 -8.32
C LEU E 82 -27.72 -19.50 -7.61
N ARG E 83 -27.46 -19.26 -6.33
CA ARG E 83 -28.30 -18.39 -5.51
C ARG E 83 -27.75 -16.97 -5.52
N PHE E 84 -28.63 -16.01 -5.27
CA PHE E 84 -28.26 -14.60 -5.28
C PHE E 84 -28.66 -13.93 -3.99
N GLN E 85 -27.76 -13.10 -3.47
CA GLN E 85 -28.07 -12.25 -2.33
C GLN E 85 -28.78 -11.00 -2.83
N SER E 86 -29.79 -10.57 -2.07
CA SER E 86 -30.62 -9.44 -2.51
C SER E 86 -29.79 -8.17 -2.66
N SER E 87 -28.82 -7.95 -1.77
CA SER E 87 -27.96 -6.79 -1.88
C SER E 87 -27.16 -6.81 -3.17
N ALA E 88 -26.71 -8.01 -3.59
CA ALA E 88 -25.99 -8.11 -4.85
C ALA E 88 -26.88 -7.73 -6.03
N VAL E 89 -28.14 -8.15 -6.00
CA VAL E 89 -29.07 -7.79 -7.07
C VAL E 89 -29.27 -6.27 -7.10
N MET E 90 -29.41 -5.66 -5.92
CA MET E 90 -29.57 -4.21 -5.86
C MET E 90 -28.33 -3.50 -6.39
N ALA E 91 -27.14 -4.02 -6.06
CA ALA E 91 -25.91 -3.43 -6.56
C ALA E 91 -25.84 -3.51 -8.07
N LEU E 92 -26.20 -4.66 -8.62
CA LEU E 92 -26.24 -4.84 -10.06
C LEU E 92 -27.18 -3.83 -10.71
N GLN E 93 -28.36 -3.67 -10.11
CA GLN E 93 -29.36 -2.78 -10.69
C GLN E 93 -28.89 -1.34 -10.66
N GLU E 94 -28.29 -0.92 -9.54
CA GLU E 94 -27.78 0.44 -9.45
C GLU E 94 -26.66 0.68 -10.46
N ALA E 95 -25.73 -0.27 -10.57
CA ALA E 95 -24.62 -0.10 -11.51
C ALA E 95 -25.12 -0.05 -12.95
N SER E 96 -26.06 -0.93 -13.30
CA SER E 96 -26.61 -0.93 -14.64
C SER E 96 -27.35 0.36 -14.94
N GLU E 97 -28.10 0.89 -13.96
CA GLU E 97 -28.78 2.16 -14.16
C GLU E 97 -27.78 3.28 -14.39
N ALA E 98 -26.71 3.32 -13.60
CA ALA E 98 -25.70 4.37 -13.79
C ALA E 98 -25.06 4.26 -15.16
N TYR E 99 -24.72 3.05 -15.58
CA TYR E 99 -24.08 2.85 -16.88
C TYR E 99 -25.01 3.27 -18.01
N LEU E 100 -26.28 2.90 -17.93
CA LEU E 100 -27.23 3.29 -18.97
C LEU E 100 -27.46 4.80 -18.98
N VAL E 101 -27.52 5.43 -17.81
CA VAL E 101 -27.72 6.88 -17.78
C VAL E 101 -26.54 7.58 -18.43
N GLY E 102 -25.31 7.13 -18.12
CA GLY E 102 -24.15 7.69 -18.77
C GLY E 102 -24.17 7.48 -20.27
N LEU E 103 -24.55 6.28 -20.71
CA LEU E 103 -24.61 5.98 -22.13
C LEU E 103 -25.65 6.85 -22.84
N PHE E 104 -26.81 7.05 -22.20
CA PHE E 104 -27.83 7.90 -22.80
C PHE E 104 -27.39 9.36 -22.84
N GLU E 105 -26.67 9.83 -21.83
CA GLU E 105 -26.15 11.19 -21.88
C GLU E 105 -25.18 11.35 -23.04
N ASP E 106 -24.26 10.40 -23.19
CA ASP E 106 -23.30 10.47 -24.29
C ASP E 106 -23.99 10.39 -25.65
N THR E 107 -24.97 9.51 -25.78
CA THR E 107 -25.63 9.38 -27.08
C THR E 107 -26.53 10.58 -27.36
N ASN E 108 -26.99 11.26 -26.29
CA ASN E 108 -27.77 12.51 -26.48
C ASN E 108 -26.81 13.55 -27.04
N LEU E 109 -25.59 13.64 -26.49
CA LEU E 109 -24.59 14.54 -27.05
C LEU E 109 -24.30 14.20 -28.50
N ALA E 110 -24.21 12.91 -28.81
CA ALA E 110 -23.95 12.50 -30.19
C ALA E 110 -25.09 12.94 -31.12
N ALA E 111 -26.33 12.77 -30.68
CA ALA E 111 -27.47 13.18 -31.49
C ALA E 111 -27.49 14.69 -31.69
N ILE E 112 -27.22 15.44 -30.62
CA ILE E 112 -27.23 16.90 -30.70
C ILE E 112 -26.15 17.37 -31.66
N HIS E 113 -24.99 16.72 -31.63
CA HIS E 113 -23.91 17.06 -32.54
C HIS E 113 -24.32 16.85 -34.00
N ALA E 114 -25.24 15.92 -34.25
CA ALA E 114 -25.73 15.66 -35.59
C ALA E 114 -26.85 16.60 -36.02
N LYS E 115 -26.99 17.75 -35.35
CA LYS E 115 -28.06 18.71 -35.63
C LYS E 115 -29.43 18.04 -35.54
N ARG E 116 -29.61 17.19 -34.55
CA ARG E 116 -30.83 16.43 -34.36
C ARG E 116 -31.26 16.50 -32.90
N VAL E 117 -32.49 16.05 -32.64
CA VAL E 117 -33.01 15.96 -31.29
C VAL E 117 -33.31 14.51 -30.91
N THR E 118 -33.88 13.73 -31.81
CA THR E 118 -34.19 12.34 -31.54
C THR E 118 -32.93 11.49 -31.68
N ILE E 119 -32.74 10.58 -30.74
CA ILE E 119 -31.57 9.70 -30.77
C ILE E 119 -31.83 8.55 -31.74
N MET E 120 -30.75 8.04 -32.32
CA MET E 120 -30.74 6.95 -33.28
C MET E 120 -29.79 5.86 -32.79
N PRO E 121 -29.96 4.62 -33.25
CA PRO E 121 -28.96 3.59 -32.94
C PRO E 121 -27.59 3.92 -33.49
N LYS E 122 -27.51 4.73 -34.56
CA LYS E 122 -26.23 5.25 -35.01
C LYS E 122 -25.51 5.97 -33.87
N ASP E 123 -26.26 6.80 -33.14
CA ASP E 123 -25.70 7.55 -32.03
C ASP E 123 -25.19 6.62 -30.93
N ILE E 124 -25.96 5.57 -30.61
CA ILE E 124 -25.53 4.64 -29.57
C ILE E 124 -24.25 3.90 -29.98
N GLN E 125 -24.20 3.43 -31.23
CA GLN E 125 -22.99 2.73 -31.67
C GLN E 125 -21.79 3.66 -31.68
N LEU E 126 -21.99 4.93 -32.07
CA LEU E 126 -20.88 5.88 -31.99
C LEU E 126 -20.44 6.09 -30.55
N ALA E 127 -21.39 6.20 -29.61
CA ALA E 127 -21.01 6.40 -28.22
C ALA E 127 -20.19 5.22 -27.71
N ARG E 128 -20.60 4.01 -28.05
CA ARG E 128 -19.86 2.83 -27.60
C ARG E 128 -18.50 2.74 -28.27
N ARG E 129 -18.40 3.12 -29.54
CA ARG E 129 -17.10 3.09 -30.22
C ARG E 129 -16.13 4.12 -29.65
N ILE E 130 -16.60 5.36 -29.46
CA ILE E 130 -15.73 6.40 -28.90
C ILE E 130 -15.31 6.04 -27.48
N ARG E 131 -16.25 5.56 -26.67
CA ARG E 131 -15.90 5.19 -25.30
C ARG E 131 -14.88 4.06 -25.28
N GLY E 132 -15.00 3.10 -26.19
CA GLY E 132 -14.05 2.02 -26.32
C GLY E 132 -14.58 0.65 -25.99
N GLU E 133 -15.84 0.52 -25.59
CA GLU E 133 -16.37 -0.80 -25.22
C GLU E 133 -16.39 -1.73 -26.42
N ARG E 134 -16.98 -1.28 -27.53
CA ARG E 134 -17.07 -2.02 -28.79
C ARG E 134 -17.52 -3.46 -28.63
N LYS F 20 -36.44 -25.17 -13.95
CA LYS F 20 -36.07 -23.84 -13.45
C LYS F 20 -35.55 -22.98 -14.59
N VAL F 21 -35.79 -23.43 -15.83
CA VAL F 21 -35.33 -22.70 -17.00
C VAL F 21 -36.04 -21.34 -17.08
N LEU F 22 -35.28 -20.30 -17.38
CA LEU F 22 -35.82 -18.97 -17.62
C LEU F 22 -35.63 -18.61 -19.09
N ARG F 23 -36.72 -18.35 -19.78
CA ARG F 23 -36.67 -18.00 -21.19
C ARG F 23 -37.48 -16.74 -21.46
N ASP F 24 -36.95 -15.90 -22.36
CA ASP F 24 -37.58 -14.65 -22.77
C ASP F 24 -37.85 -13.75 -21.56
N ASN F 25 -36.76 -13.27 -20.95
CA ASN F 25 -36.85 -12.29 -19.90
C ASN F 25 -36.21 -10.96 -20.26
N ILE F 26 -35.52 -10.87 -21.40
CA ILE F 26 -34.99 -9.59 -21.85
C ILE F 26 -36.13 -8.63 -22.17
N GLN F 27 -37.31 -9.16 -22.52
CA GLN F 27 -38.49 -8.32 -22.69
C GLN F 27 -38.98 -7.73 -21.38
N GLY F 28 -38.48 -8.23 -20.24
CA GLY F 28 -38.85 -7.67 -18.95
C GLY F 28 -38.40 -6.24 -18.77
N ILE F 29 -37.38 -5.82 -19.51
CA ILE F 29 -36.97 -4.42 -19.49
C ILE F 29 -37.96 -3.65 -20.35
N THR F 30 -39.00 -3.12 -19.72
CA THR F 30 -40.13 -2.57 -20.44
C THR F 30 -39.77 -1.27 -21.16
N LYS F 31 -40.56 -0.95 -22.17
CA LYS F 31 -40.39 0.30 -22.88
C LYS F 31 -40.52 1.53 -21.98
N PRO F 32 -41.49 1.64 -21.06
CA PRO F 32 -41.49 2.81 -20.16
C PRO F 32 -40.23 2.93 -19.32
N ALA F 33 -39.63 1.82 -18.91
CA ALA F 33 -38.40 1.91 -18.13
C ALA F 33 -37.26 2.51 -18.95
N ILE F 34 -37.13 2.10 -20.21
CA ILE F 34 -36.11 2.70 -21.08
C ILE F 34 -36.42 4.17 -21.33
N ARG F 35 -37.70 4.50 -21.50
CA ARG F 35 -38.06 5.90 -21.66
C ARG F 35 -37.64 6.72 -20.46
N ARG F 36 -37.91 6.21 -19.25
CA ARG F 36 -37.57 6.94 -18.04
C ARG F 36 -36.06 7.07 -17.86
N LEU F 37 -35.31 6.02 -18.20
CA LEU F 37 -33.86 6.11 -18.13
C LEU F 37 -33.33 7.16 -19.10
N ALA F 38 -33.85 7.20 -20.32
CA ALA F 38 -33.45 8.22 -21.26
C ALA F 38 -33.82 9.61 -20.77
N ARG F 39 -34.98 9.73 -20.11
CA ARG F 39 -35.37 11.03 -19.55
C ARG F 39 -34.39 11.46 -18.47
N ARG F 40 -33.97 10.55 -17.60
CA ARG F 40 -32.96 10.89 -16.62
C ARG F 40 -31.65 11.27 -17.29
N GLY F 41 -31.35 10.65 -18.43
CA GLY F 41 -30.19 11.04 -19.19
C GLY F 41 -30.33 12.32 -19.96
N GLY F 42 -31.49 12.98 -19.89
CA GLY F 42 -31.69 14.22 -20.61
C GLY F 42 -32.00 14.07 -22.08
N VAL F 43 -32.65 12.98 -22.48
CA VAL F 43 -33.01 12.74 -23.87
C VAL F 43 -34.43 13.22 -24.08
N LYS F 44 -34.65 13.97 -25.17
CA LYS F 44 -35.95 14.57 -25.40
C LYS F 44 -36.87 13.71 -26.26
N ARG F 45 -36.36 13.06 -27.29
CA ARG F 45 -37.18 12.23 -28.16
C ARG F 45 -36.45 10.92 -28.44
N ILE F 46 -37.20 9.81 -28.41
CA ILE F 46 -36.64 8.48 -28.49
C ILE F 46 -37.22 7.79 -29.72
N SER F 47 -36.35 7.19 -30.52
CA SER F 47 -36.78 6.43 -31.67
C SER F 47 -37.26 5.04 -31.25
N GLY F 48 -37.76 4.27 -32.22
CA GLY F 48 -38.26 2.95 -31.94
C GLY F 48 -37.19 1.88 -31.84
N LEU F 49 -36.06 2.07 -32.50
CA LEU F 49 -34.99 1.07 -32.46
C LEU F 49 -34.16 1.17 -31.19
N ILE F 50 -34.25 2.29 -30.48
CA ILE F 50 -33.44 2.51 -29.29
C ILE F 50 -33.72 1.45 -28.24
N TYR F 51 -34.97 1.02 -28.12
CA TYR F 51 -35.32 0.01 -27.12
C TYR F 51 -34.58 -1.31 -27.37
N GLU F 52 -34.57 -1.76 -28.62
CA GLU F 52 -33.84 -2.97 -28.95
C GLU F 52 -32.35 -2.79 -28.76
N GLU F 53 -31.80 -1.65 -29.18
CA GLU F 53 -30.38 -1.42 -29.03
C GLU F 53 -29.97 -1.41 -27.56
N THR F 54 -30.75 -0.76 -26.70
CA THR F 54 -30.38 -0.68 -25.30
C THR F 54 -30.61 -2.01 -24.59
N ARG F 55 -31.59 -2.80 -25.04
CA ARG F 55 -31.71 -4.15 -24.52
C ARG F 55 -30.45 -4.95 -24.84
N GLY F 56 -29.93 -4.80 -26.06
CA GLY F 56 -28.71 -5.50 -26.43
C GLY F 56 -27.52 -5.07 -25.58
N VAL F 57 -27.34 -3.75 -25.42
CA VAL F 57 -26.17 -3.28 -24.68
C VAL F 57 -26.29 -3.63 -23.20
N LEU F 58 -27.51 -3.61 -22.65
CA LEU F 58 -27.70 -4.05 -21.28
C LEU F 58 -27.36 -5.52 -21.13
N LYS F 59 -27.81 -6.35 -22.07
CA LYS F 59 -27.48 -7.77 -22.00
C LYS F 59 -25.98 -7.98 -22.04
N VAL F 60 -25.29 -7.26 -22.92
CA VAL F 60 -23.84 -7.40 -23.02
C VAL F 60 -23.16 -6.99 -21.71
N PHE F 61 -23.57 -5.85 -21.16
CA PHE F 61 -22.94 -5.35 -19.93
C PHE F 61 -23.17 -6.30 -18.76
N LEU F 62 -24.39 -6.82 -18.64
CA LEU F 62 -24.67 -7.78 -17.58
C LEU F 62 -23.90 -9.08 -17.77
N GLU F 63 -23.74 -9.56 -19.01
CA GLU F 63 -22.89 -10.73 -19.19
C GLU F 63 -21.47 -10.45 -18.73
N ASN F 64 -20.94 -9.28 -19.10
CA ASN F 64 -19.57 -8.94 -18.70
C ASN F 64 -19.43 -8.90 -17.18
N VAL F 65 -20.40 -8.32 -16.48
CA VAL F 65 -20.29 -8.24 -15.03
C VAL F 65 -20.48 -9.60 -14.38
N ILE F 66 -21.50 -10.36 -14.81
CA ILE F 66 -21.82 -11.62 -14.15
C ILE F 66 -20.74 -12.67 -14.38
N ARG F 67 -20.04 -12.62 -15.52
CA ARG F 67 -18.94 -13.54 -15.70
C ARG F 67 -17.91 -13.40 -14.58
N ASP F 68 -17.47 -12.18 -14.32
CA ASP F 68 -16.51 -11.94 -13.26
C ASP F 68 -17.10 -12.26 -11.89
N ALA F 69 -18.36 -11.88 -11.66
CA ALA F 69 -18.98 -12.13 -10.37
C ALA F 69 -19.08 -13.62 -10.07
N VAL F 70 -19.47 -14.42 -11.07
CA VAL F 70 -19.59 -15.86 -10.88
C VAL F 70 -18.23 -16.50 -10.69
N THR F 71 -17.20 -16.01 -11.40
CA THR F 71 -15.86 -16.53 -11.13
C THR F 71 -15.42 -16.22 -9.71
N TYR F 72 -15.69 -15.02 -9.22
CA TYR F 72 -15.33 -14.69 -7.84
C TYR F 72 -16.09 -15.58 -6.86
N THR F 73 -17.37 -15.84 -7.12
CA THR F 73 -18.15 -16.73 -6.27
C THR F 73 -17.60 -18.15 -6.30
N GLU F 74 -17.25 -18.64 -7.50
CA GLU F 74 -16.74 -20.00 -7.65
C GLU F 74 -15.41 -20.16 -6.93
N HIS F 75 -14.57 -19.12 -6.95
CA HIS F 75 -13.30 -19.18 -6.25
C HIS F 75 -13.50 -19.41 -4.76
N ALA F 76 -14.41 -18.65 -4.15
CA ALA F 76 -14.58 -18.74 -2.70
C ALA F 76 -15.27 -20.02 -2.26
N LYS F 77 -15.53 -20.94 -3.18
CA LYS F 77 -16.24 -22.19 -2.89
C LYS F 77 -17.63 -21.93 -2.31
N ARG F 78 -18.21 -20.79 -2.67
CA ARG F 78 -19.55 -20.41 -2.25
C ARG F 78 -20.53 -20.69 -3.37
N LYS F 79 -21.77 -20.98 -2.99
CA LYS F 79 -22.81 -21.27 -3.96
C LYS F 79 -23.77 -20.10 -4.15
N THR F 80 -23.49 -18.95 -3.55
CA THR F 80 -24.31 -17.77 -3.72
C THR F 80 -23.45 -16.56 -4.03
N VAL F 81 -24.02 -15.60 -4.76
CA VAL F 81 -23.30 -14.41 -5.18
C VAL F 81 -23.58 -13.31 -4.16
N THR F 82 -22.59 -12.99 -3.35
CA THR F 82 -22.74 -11.91 -2.39
C THR F 82 -22.50 -10.56 -3.06
N ALA F 83 -22.91 -9.49 -2.36
CA ALA F 83 -22.73 -8.15 -2.89
C ALA F 83 -21.26 -7.77 -3.00
N MET F 84 -20.42 -8.31 -2.11
CA MET F 84 -18.99 -8.03 -2.17
C MET F 84 -18.40 -8.50 -3.50
N ASP F 85 -18.86 -9.64 -3.99
CA ASP F 85 -18.39 -10.14 -5.28
C ASP F 85 -18.75 -9.18 -6.41
N VAL F 86 -19.98 -8.65 -6.39
CA VAL F 86 -20.38 -7.70 -7.41
C VAL F 86 -19.56 -6.43 -7.33
N VAL F 87 -19.30 -5.96 -6.10
CA VAL F 87 -18.50 -4.74 -5.94
C VAL F 87 -17.10 -4.94 -6.49
N TYR F 88 -16.48 -6.09 -6.17
CA TYR F 88 -15.15 -6.39 -6.69
C TYR F 88 -15.15 -6.51 -8.21
N ALA F 89 -16.17 -7.15 -8.77
CA ALA F 89 -16.25 -7.28 -10.22
C ALA F 89 -16.38 -5.92 -10.89
N LEU F 90 -17.19 -5.04 -10.31
CA LEU F 90 -17.33 -3.70 -10.87
C LEU F 90 -16.04 -2.91 -10.75
N LYS F 91 -15.34 -3.02 -9.60
CA LYS F 91 -14.10 -2.29 -9.44
C LYS F 91 -13.02 -2.80 -10.38
N ARG F 92 -13.05 -4.09 -10.70
CA ARG F 92 -12.10 -4.64 -11.66
C ARG F 92 -12.30 -4.02 -13.04
N GLN F 93 -13.54 -3.86 -13.46
CA GLN F 93 -13.82 -3.25 -14.76
C GLN F 93 -13.64 -1.74 -14.76
N GLY F 94 -13.54 -1.12 -13.59
CA GLY F 94 -13.36 0.31 -13.51
C GLY F 94 -14.65 1.07 -13.28
N ARG F 95 -15.51 0.57 -12.41
CA ARG F 95 -16.74 1.26 -12.03
C ARG F 95 -16.71 1.77 -10.60
N THR F 96 -16.23 0.96 -9.66
CA THR F 96 -15.95 1.34 -8.27
C THR F 96 -17.21 1.91 -7.59
N LEU F 97 -18.21 1.08 -7.46
CA LEU F 97 -19.48 1.51 -6.86
C LEU F 97 -19.33 1.56 -5.35
N TYR F 98 -19.68 2.70 -4.75
CA TYR F 98 -19.60 2.84 -3.31
C TYR F 98 -20.88 2.32 -2.65
N GLY F 99 -21.01 2.56 -1.35
CA GLY F 99 -22.23 2.21 -0.65
C GLY F 99 -22.25 0.80 -0.13
N PHE F 100 -22.83 -0.09 -0.93
CA PHE F 100 -22.93 -1.51 -0.62
C PHE F 100 -21.57 -2.09 -0.27
N GLY F 101 -21.43 -2.53 0.97
CA GLY F 101 -20.16 -3.04 1.46
C GLY F 101 -19.11 -1.96 1.59
N ALA G 10 25.58 -38.49 -1.69
CA ALA G 10 25.88 -37.19 -2.25
C ALA G 10 24.67 -36.61 -2.96
N ARG G 11 24.79 -35.35 -3.41
CA ARG G 11 23.71 -34.69 -4.10
C ARG G 11 23.46 -35.32 -5.46
N ALA G 12 22.20 -35.37 -5.87
CA ALA G 12 21.76 -36.14 -7.04
C ALA G 12 21.69 -35.30 -8.31
N LYS G 13 22.60 -34.32 -8.46
CA LYS G 13 22.72 -33.45 -9.64
C LYS G 13 21.54 -32.48 -9.73
N ALA G 14 21.79 -31.29 -10.26
CA ALA G 14 20.79 -30.23 -10.27
C ALA G 14 20.11 -30.18 -11.63
N LYS G 15 18.78 -30.29 -11.63
CA LYS G 15 17.98 -30.10 -12.82
C LYS G 15 16.93 -29.03 -12.54
N THR G 16 16.80 -28.08 -13.47
CA THR G 16 15.87 -26.98 -13.28
C THR G 16 14.43 -27.44 -13.33
N ARG G 17 13.58 -26.76 -12.56
CA ARG G 17 12.16 -27.11 -12.53
C ARG G 17 11.48 -26.83 -13.87
N SER G 18 12.00 -25.89 -14.65
CA SER G 18 11.45 -25.65 -15.98
C SER G 18 11.61 -26.89 -16.85
N SER G 19 12.76 -27.56 -16.75
CA SER G 19 12.90 -28.86 -17.40
C SER G 19 12.01 -29.91 -16.76
N ARG G 20 11.81 -29.81 -15.44
CA ARG G 20 10.95 -30.77 -14.75
C ARG G 20 9.52 -30.69 -15.24
N ALA G 21 9.01 -29.48 -15.45
CA ALA G 21 7.66 -29.30 -15.96
C ALA G 21 7.62 -29.15 -17.48
N GLY G 22 8.76 -29.25 -18.15
CA GLY G 22 8.80 -29.09 -19.60
C GLY G 22 8.48 -27.69 -20.07
N LEU G 23 8.98 -26.67 -19.37
CA LEU G 23 8.80 -25.29 -19.76
C LEU G 23 10.13 -24.68 -20.18
N GLN G 24 10.03 -23.64 -21.00
CA GLN G 24 11.21 -22.85 -21.36
C GLN G 24 11.37 -21.61 -20.50
N PHE G 25 10.27 -21.01 -20.07
CA PHE G 25 10.34 -19.85 -19.21
C PHE G 25 10.82 -20.24 -17.81
N PRO G 26 11.50 -19.35 -17.10
CA PRO G 26 12.20 -19.76 -15.87
C PRO G 26 11.23 -19.87 -14.70
N VAL G 27 11.11 -21.07 -14.14
CA VAL G 27 10.27 -21.27 -12.98
C VAL G 27 10.90 -20.62 -11.75
N GLY G 28 12.20 -20.83 -11.56
CA GLY G 28 12.86 -20.28 -10.39
C GLY G 28 12.88 -18.77 -10.37
N ARG G 29 13.11 -18.16 -11.53
CA ARG G 29 13.09 -16.71 -11.62
C ARG G 29 11.71 -16.15 -11.28
N VAL G 30 10.65 -16.80 -11.79
CA VAL G 30 9.30 -16.37 -11.48
C VAL G 30 9.03 -16.51 -9.99
N HIS G 31 9.49 -17.61 -9.39
CA HIS G 31 9.32 -17.80 -7.96
C HIS G 31 10.02 -16.71 -7.16
N ARG G 32 11.24 -16.36 -7.56
CA ARG G 32 11.99 -15.31 -6.87
C ARG G 32 11.28 -13.97 -7.00
N LEU G 33 10.82 -13.64 -8.21
CA LEU G 33 10.12 -12.37 -8.41
C LEU G 33 8.85 -12.32 -7.58
N LEU G 34 8.12 -13.43 -7.50
CA LEU G 34 6.89 -13.47 -6.72
C LEU G 34 7.17 -13.28 -5.23
N ARG G 35 8.19 -13.95 -4.70
CA ARG G 35 8.43 -13.86 -3.27
C ARG G 35 9.01 -12.51 -2.88
N LYS G 36 9.86 -11.91 -3.72
CA LYS G 36 10.40 -10.59 -3.42
C LYS G 36 9.56 -9.47 -4.01
N GLY G 37 8.43 -9.79 -4.63
CA GLY G 37 7.47 -8.81 -5.07
C GLY G 37 6.38 -8.50 -4.07
N ASN G 38 6.56 -8.96 -2.83
CA ASN G 38 5.61 -8.88 -1.70
C ASN G 38 4.16 -8.88 -2.16
N TYR G 39 3.82 -9.89 -2.95
CA TYR G 39 2.46 -10.06 -3.43
C TYR G 39 1.60 -10.81 -2.42
N ALA G 40 2.22 -11.63 -1.58
CA ALA G 40 1.54 -12.35 -0.53
C ALA G 40 2.56 -12.74 0.52
N GLU G 41 2.06 -13.13 1.69
CA GLU G 41 2.94 -13.57 2.77
C GLU G 41 3.73 -14.81 2.37
N ARG G 42 3.08 -15.76 1.71
CA ARG G 42 3.71 -17.00 1.28
C ARG G 42 3.33 -17.29 -0.16
N VAL G 43 4.17 -18.06 -0.84
CA VAL G 43 3.97 -18.38 -2.25
C VAL G 43 3.92 -19.90 -2.38
N GLY G 44 2.87 -20.40 -3.02
CA GLY G 44 2.71 -21.83 -3.20
C GLY G 44 3.71 -22.39 -4.20
N ALA G 45 3.80 -23.72 -4.21
CA ALA G 45 4.77 -24.38 -5.07
C ALA G 45 4.33 -24.35 -6.53
N GLY G 46 3.06 -24.63 -6.80
CA GLY G 46 2.60 -24.73 -8.17
C GLY G 46 2.36 -23.41 -8.86
N ALA G 47 2.22 -22.32 -8.09
CA ALA G 47 1.93 -21.02 -8.68
C ALA G 47 3.02 -20.53 -9.64
N PRO G 48 4.31 -20.58 -9.30
CA PRO G 48 5.30 -20.15 -10.31
C PRO G 48 5.27 -20.95 -11.59
N VAL G 49 5.07 -22.27 -11.49
CA VAL G 49 4.99 -23.10 -12.70
C VAL G 49 3.77 -22.72 -13.53
N TYR G 50 2.63 -22.54 -12.86
CA TYR G 50 1.40 -22.17 -13.55
C TYR G 50 1.58 -20.85 -14.29
N LEU G 51 2.14 -19.85 -13.61
CA LEU G 51 2.29 -18.54 -14.21
C LEU G 51 3.31 -18.55 -15.33
N ALA G 52 4.41 -19.30 -15.15
CA ALA G 52 5.40 -19.40 -16.22
C ALA G 52 4.80 -20.06 -17.45
N ALA G 53 3.99 -21.10 -17.26
CA ALA G 53 3.32 -21.72 -18.40
C ALA G 53 2.39 -20.75 -19.10
N VAL G 54 1.63 -19.97 -18.33
CA VAL G 54 0.72 -19.01 -18.94
C VAL G 54 1.48 -17.96 -19.76
N LEU G 55 2.57 -17.44 -19.18
CA LEU G 55 3.39 -16.47 -19.90
C LEU G 55 3.97 -17.08 -21.16
N GLU G 56 4.42 -18.33 -21.09
CA GLU G 56 4.97 -18.99 -22.25
C GLU G 56 3.92 -19.14 -23.35
N TYR G 57 2.69 -19.50 -22.97
CA TYR G 57 1.65 -19.66 -23.97
C TYR G 57 1.31 -18.34 -24.64
N LEU G 58 1.17 -17.27 -23.85
CA LEU G 58 0.90 -15.97 -24.44
C LEU G 58 2.04 -15.52 -25.36
N THR G 59 3.28 -15.73 -24.93
CA THR G 59 4.41 -15.34 -25.77
C THR G 59 4.44 -16.14 -27.05
N ALA G 60 4.10 -17.44 -26.98
CA ALA G 60 4.05 -18.26 -28.17
C ALA G 60 2.99 -17.77 -29.15
N GLU G 61 1.82 -17.42 -28.63
CA GLU G 61 0.76 -16.89 -29.49
C GLU G 61 1.20 -15.60 -30.18
N ILE G 62 1.76 -14.67 -29.39
CA ILE G 62 2.16 -13.38 -29.94
C ILE G 62 3.24 -13.56 -31.00
N LEU G 63 4.23 -14.40 -30.70
CA LEU G 63 5.33 -14.62 -31.63
C LEU G 63 4.86 -15.32 -32.89
N GLU G 64 3.91 -16.25 -32.77
CA GLU G 64 3.38 -16.92 -33.95
C GLU G 64 2.68 -15.93 -34.87
N LEU G 65 1.83 -15.09 -34.30
CA LEU G 65 1.12 -14.11 -35.12
C LEU G 65 2.09 -13.10 -35.73
N ALA G 66 3.09 -12.67 -34.96
CA ALA G 66 4.07 -11.73 -35.48
C ALA G 66 4.90 -12.36 -36.59
N GLY G 67 5.25 -13.64 -36.45
CA GLY G 67 5.98 -14.32 -37.50
C GLY G 67 5.17 -14.45 -38.77
N ASN G 68 3.88 -14.74 -38.63
CA ASN G 68 3.01 -14.76 -39.81
C ASN G 68 2.97 -13.39 -40.48
N ALA G 69 2.85 -12.32 -39.69
CA ALA G 69 2.84 -10.98 -40.27
C ALA G 69 4.15 -10.66 -40.96
N ALA G 70 5.27 -11.06 -40.36
CA ALA G 70 6.57 -10.82 -40.98
C ALA G 70 6.72 -11.60 -42.28
N ARG G 71 6.24 -12.84 -42.30
CA ARG G 71 6.30 -13.64 -43.52
C ARG G 71 5.47 -13.01 -44.63
N ASP G 72 4.29 -12.50 -44.28
CA ASP G 72 3.45 -11.84 -45.28
C ASP G 72 4.05 -10.52 -45.77
N ASN G 73 5.01 -9.95 -45.03
CA ASN G 73 5.67 -8.72 -45.44
C ASN G 73 7.03 -8.97 -46.07
N LYS G 74 7.40 -10.24 -46.27
CA LYS G 74 8.67 -10.63 -46.90
C LYS G 74 9.88 -10.09 -46.15
N LYS G 75 9.80 -10.09 -44.82
CA LYS G 75 10.95 -9.86 -43.97
C LYS G 75 11.12 -11.04 -43.03
N THR G 76 12.36 -11.45 -42.82
CA THR G 76 12.68 -12.58 -41.96
C THR G 76 13.03 -12.16 -40.54
N ARG G 77 13.00 -10.88 -40.23
CA ARG G 77 13.34 -10.37 -38.90
C ARG G 77 12.14 -9.65 -38.32
N ILE G 78 11.79 -9.97 -37.08
CA ILE G 78 10.61 -9.38 -36.45
C ILE G 78 10.91 -7.95 -36.06
N ILE G 79 10.00 -7.04 -36.41
CA ILE G 79 10.11 -5.62 -36.04
C ILE G 79 8.79 -5.20 -35.43
N PRO G 80 8.79 -4.11 -34.65
CA PRO G 80 7.56 -3.72 -33.92
C PRO G 80 6.35 -3.47 -34.81
N ARG G 81 6.53 -3.14 -36.08
CA ARG G 81 5.39 -3.03 -36.97
C ARG G 81 4.67 -4.37 -37.10
N HIS G 82 5.44 -5.45 -37.22
CA HIS G 82 4.84 -6.78 -37.25
C HIS G 82 4.14 -7.11 -35.94
N LEU G 83 4.71 -6.68 -34.81
CA LEU G 83 4.02 -6.88 -33.53
C LEU G 83 2.69 -6.13 -33.49
N GLN G 84 2.67 -4.91 -34.01
CA GLN G 84 1.44 -4.12 -34.05
C GLN G 84 0.38 -4.82 -34.90
N LEU G 85 0.77 -5.29 -36.08
CA LEU G 85 -0.17 -6.03 -36.92
C LEU G 85 -0.65 -7.29 -36.23
N ALA G 86 0.23 -7.99 -35.54
CA ALA G 86 -0.17 -9.20 -34.84
C ALA G 86 -1.17 -8.90 -33.73
N ILE G 87 -0.94 -7.84 -32.96
CA ILE G 87 -1.82 -7.54 -31.83
C ILE G 87 -3.17 -7.07 -32.33
N ARG G 88 -3.20 -6.08 -33.23
CA ARG G 88 -4.48 -5.51 -33.62
C ARG G 88 -5.15 -6.21 -34.79
N ASN G 89 -4.54 -7.21 -35.40
CA ASN G 89 -5.25 -8.02 -36.38
C ASN G 89 -5.96 -9.21 -35.77
N ASP G 90 -5.78 -9.44 -34.47
CA ASP G 90 -6.51 -10.46 -33.72
C ASP G 90 -7.51 -9.77 -32.82
N GLU G 91 -8.75 -10.25 -32.83
CA GLU G 91 -9.80 -9.58 -32.07
C GLU G 91 -9.57 -9.70 -30.57
N GLU G 92 -9.29 -10.90 -30.09
CA GLU G 92 -9.14 -11.11 -28.65
C GLU G 92 -7.88 -10.42 -28.12
N LEU G 93 -6.76 -10.56 -28.84
CA LEU G 93 -5.53 -9.91 -28.42
C LEU G 93 -5.68 -8.40 -28.36
N ASN G 94 -6.47 -7.84 -29.27
CA ASN G 94 -6.75 -6.41 -29.22
C ASN G 94 -7.46 -6.05 -27.93
N LYS G 95 -8.45 -6.85 -27.54
CA LYS G 95 -9.19 -6.59 -26.30
C LYS G 95 -8.29 -6.71 -25.09
N LEU G 96 -7.39 -7.70 -25.10
CA LEU G 96 -6.48 -7.88 -23.97
C LEU G 96 -5.53 -6.70 -23.84
N LEU G 97 -5.05 -6.17 -24.96
CA LEU G 97 -4.08 -5.08 -24.93
C LEU G 97 -4.62 -3.83 -25.61
N GLY G 98 -5.86 -3.47 -25.31
CA GLY G 98 -6.42 -2.26 -25.90
C GLY G 98 -5.82 -0.99 -25.34
N LYS G 99 -5.33 -1.03 -24.10
CA LYS G 99 -4.82 0.15 -23.41
C LYS G 99 -3.29 0.17 -23.37
N VAL G 100 -2.63 -0.22 -24.45
CA VAL G 100 -1.18 -0.18 -24.52
C VAL G 100 -0.75 0.47 -25.82
N THR G 101 0.36 1.19 -25.77
CA THR G 101 0.98 1.78 -26.95
C THR G 101 2.30 1.10 -27.22
N ILE G 102 2.50 0.68 -28.47
CA ILE G 102 3.73 0.02 -28.89
C ILE G 102 4.60 1.06 -29.60
N ALA G 103 5.80 1.28 -29.07
CA ALA G 103 6.72 2.23 -29.69
C ALA G 103 7.13 1.74 -31.06
N GLN G 104 7.24 2.67 -32.01
CA GLN G 104 7.58 2.39 -33.40
C GLN G 104 6.61 1.39 -34.03
N GLY G 105 5.37 1.38 -33.57
CA GLY G 105 4.43 0.37 -34.02
C GLY G 105 3.55 0.79 -35.17
N GLY G 106 3.34 2.09 -35.35
CA GLY G 106 2.45 2.52 -36.38
C GLY G 106 1.00 2.17 -36.06
N VAL G 107 0.16 2.30 -37.08
CA VAL G 107 -1.27 2.03 -36.98
C VAL G 107 -1.67 1.10 -38.11
N LEU G 108 -2.63 0.21 -37.84
CA LEU G 108 -3.14 -0.66 -38.88
C LEU G 108 -3.82 0.18 -39.97
N PRO G 109 -3.80 -0.28 -41.21
CA PRO G 109 -4.44 0.50 -42.27
C PRO G 109 -5.94 0.26 -42.36
N ASN G 110 -6.72 1.34 -42.25
CA ASN G 110 -8.16 1.29 -42.47
C ASN G 110 -8.63 2.67 -42.90
N ILE G 111 -9.56 2.69 -43.85
CA ILE G 111 -10.15 3.93 -44.35
C ILE G 111 -11.67 3.78 -44.31
N GLN G 112 -12.36 4.83 -43.89
CA GLN G 112 -13.82 4.80 -43.84
C GLN G 112 -14.41 4.72 -45.24
N ALA G 113 -15.62 4.18 -45.32
CA ALA G 113 -16.19 3.80 -46.61
C ALA G 113 -16.49 5.01 -47.49
N VAL G 114 -17.15 6.03 -46.93
CA VAL G 114 -17.60 7.14 -47.78
C VAL G 114 -16.42 8.01 -48.20
N LEU G 115 -15.29 7.93 -47.49
CA LEU G 115 -14.10 8.63 -47.92
C LEU G 115 -13.61 8.13 -49.27
N LEU G 116 -13.88 6.87 -49.58
CA LEU G 116 -13.51 6.33 -50.88
C LEU G 116 -14.32 7.04 -51.97
N PRO G 117 -13.74 7.28 -53.15
CA PRO G 117 -14.40 8.12 -54.15
C PRO G 117 -15.59 7.47 -54.83
N LYS G 118 -16.19 8.21 -55.76
CA LYS G 118 -17.34 7.73 -56.52
C LYS G 118 -16.98 6.47 -57.28
N LYS G 119 -17.84 5.46 -57.18
CA LYS G 119 -17.58 4.18 -57.83
C LYS G 119 -17.81 4.23 -59.33
N LYS H 34 21.22 -6.53 -15.69
CA LYS H 34 19.79 -6.29 -15.78
C LYS H 34 19.07 -7.57 -16.20
N GLU H 35 18.37 -8.18 -15.24
CA GLU H 35 17.69 -9.44 -15.47
C GLU H 35 16.58 -9.27 -16.51
N SER H 36 16.49 -10.19 -17.45
CA SER H 36 15.60 -10.04 -18.59
C SER H 36 15.05 -11.41 -18.97
N TYR H 37 14.28 -11.43 -20.07
CA TYR H 37 13.73 -12.66 -20.63
C TYR H 37 14.19 -12.87 -22.07
N SER H 38 15.28 -12.22 -22.47
CA SER H 38 15.67 -12.19 -23.88
C SER H 38 15.97 -13.58 -24.40
N VAL H 39 16.81 -14.34 -23.68
CA VAL H 39 17.19 -15.65 -24.16
C VAL H 39 16.00 -16.60 -24.15
N TYR H 40 15.07 -16.42 -23.20
CA TYR H 40 13.91 -17.31 -23.14
C TYR H 40 12.97 -17.04 -24.30
N VAL H 41 12.74 -15.77 -24.62
CA VAL H 41 11.90 -15.43 -25.78
C VAL H 41 12.57 -15.93 -27.05
N TYR H 42 13.90 -15.81 -27.13
CA TYR H 42 14.59 -16.32 -28.32
C TYR H 42 14.48 -17.84 -28.42
N LYS H 43 14.48 -18.54 -27.28
CA LYS H 43 14.26 -19.98 -27.28
C LYS H 43 12.86 -20.32 -27.78
N VAL H 44 11.85 -19.60 -27.30
CA VAL H 44 10.48 -19.87 -27.71
C VAL H 44 10.28 -19.57 -29.19
N LEU H 45 10.96 -18.54 -29.70
CA LEU H 45 10.85 -18.22 -31.12
C LEU H 45 11.35 -19.36 -31.98
N LYS H 46 12.39 -20.07 -31.55
CA LYS H 46 12.86 -21.22 -32.30
C LYS H 46 11.82 -22.34 -32.32
N GLN H 47 11.10 -22.53 -31.21
CA GLN H 47 10.00 -23.48 -31.21
C GLN H 47 8.90 -23.06 -32.18
N VAL H 48 8.61 -21.77 -32.24
CA VAL H 48 7.46 -21.30 -33.02
C VAL H 48 7.79 -21.26 -34.51
N HIS H 49 8.77 -20.44 -34.89
CA HIS H 49 9.28 -20.37 -36.26
C HIS H 49 10.78 -20.62 -36.19
N PRO H 50 11.24 -21.83 -36.53
CA PRO H 50 12.65 -22.17 -36.30
C PRO H 50 13.64 -21.33 -37.10
N ASP H 51 13.20 -20.67 -38.17
CA ASP H 51 14.09 -19.97 -39.07
C ASP H 51 13.70 -18.50 -39.24
N THR H 52 13.38 -17.83 -38.13
CA THR H 52 12.99 -16.43 -38.16
C THR H 52 13.80 -15.64 -37.14
N GLY H 53 14.32 -14.49 -37.57
CA GLY H 53 15.04 -13.62 -36.67
C GLY H 53 14.16 -12.56 -36.02
N ILE H 54 14.68 -11.93 -34.98
CA ILE H 54 13.94 -10.91 -34.24
C ILE H 54 14.90 -9.78 -33.87
N SER H 55 14.41 -8.55 -34.01
CA SER H 55 15.23 -7.38 -33.71
C SER H 55 15.34 -7.16 -32.21
N SER H 56 16.34 -6.39 -31.82
CA SER H 56 16.53 -6.06 -30.41
C SER H 56 15.39 -5.18 -29.88
N LYS H 57 14.85 -4.30 -30.71
CA LYS H 57 13.70 -3.50 -30.31
C LYS H 57 12.51 -4.38 -30.00
N ALA H 58 12.23 -5.35 -30.87
CA ALA H 58 11.15 -6.29 -30.60
C ALA H 58 11.45 -7.15 -29.39
N MET H 59 12.73 -7.49 -29.16
CA MET H 59 13.08 -8.22 -27.95
C MET H 59 12.73 -7.42 -26.71
N GLY H 60 13.05 -6.13 -26.73
CA GLY H 60 12.69 -5.27 -25.61
C GLY H 60 11.19 -5.16 -25.41
N ILE H 61 10.45 -5.08 -26.51
CA ILE H 61 9.00 -4.99 -26.40
C ILE H 61 8.41 -6.26 -25.80
N MET H 62 8.89 -7.43 -26.25
CA MET H 62 8.44 -8.68 -25.63
C MET H 62 8.81 -8.74 -24.16
N ASN H 63 10.01 -8.26 -23.81
CA ASN H 63 10.41 -8.23 -22.40
C ASN H 63 9.43 -7.39 -21.58
N SER H 64 9.13 -6.19 -22.07
CA SER H 64 8.20 -5.32 -21.36
C SER H 64 6.81 -5.93 -21.30
N PHE H 65 6.38 -6.59 -22.37
CA PHE H 65 5.07 -7.24 -22.39
C PHE H 65 4.99 -8.34 -21.35
N VAL H 66 6.02 -9.17 -21.26
CA VAL H 66 6.05 -10.23 -20.27
C VAL H 66 6.03 -9.66 -18.87
N ASN H 67 6.81 -8.59 -18.64
CA ASN H 67 6.81 -7.96 -17.33
C ASN H 67 5.44 -7.40 -16.98
N ASP H 68 4.76 -6.79 -17.95
CA ASP H 68 3.46 -6.20 -17.69
C ASP H 68 2.41 -7.27 -17.38
N ILE H 69 2.40 -8.36 -18.14
CA ILE H 69 1.44 -9.43 -17.89
C ILE H 69 1.72 -10.09 -16.55
N PHE H 70 3.00 -10.26 -16.21
CA PHE H 70 3.36 -10.79 -14.90
C PHE H 70 2.85 -9.88 -13.80
N GLU H 71 3.03 -8.55 -13.96
CA GLU H 71 2.56 -7.62 -12.95
C GLU H 71 1.05 -7.67 -12.81
N ARG H 72 0.33 -7.76 -13.93
CA ARG H 72 -1.12 -7.81 -13.87
C ARG H 72 -1.61 -9.04 -13.14
N ILE H 73 -1.11 -10.22 -13.54
CA ILE H 73 -1.59 -11.46 -12.92
C ILE H 73 -1.21 -11.51 -11.46
N ALA H 74 0.04 -11.15 -11.13
CA ALA H 74 0.46 -11.20 -9.74
C ALA H 74 -0.34 -10.24 -8.87
N GLY H 75 -0.56 -9.02 -9.35
CA GLY H 75 -1.32 -8.06 -8.57
C GLY H 75 -2.76 -8.48 -8.37
N GLU H 76 -3.37 -9.05 -9.41
CA GLU H 76 -4.77 -9.42 -9.30
C GLU H 76 -4.94 -10.67 -8.43
N ALA H 77 -3.99 -11.60 -8.52
CA ALA H 77 -3.99 -12.74 -7.61
C ALA H 77 -3.76 -12.31 -6.17
N SER H 78 -2.99 -11.24 -5.96
CA SER H 78 -2.85 -10.70 -4.61
C SER H 78 -4.19 -10.15 -4.12
N ARG H 79 -4.97 -9.54 -5.00
CA ARG H 79 -6.29 -9.07 -4.62
C ARG H 79 -7.19 -10.24 -4.22
N LEU H 80 -7.15 -11.33 -4.98
CA LEU H 80 -7.89 -12.53 -4.56
C LEU H 80 -7.41 -13.05 -3.22
N ALA H 81 -6.10 -13.09 -3.01
CA ALA H 81 -5.58 -13.57 -1.73
C ALA H 81 -6.08 -12.73 -0.57
N HIS H 82 -6.10 -11.40 -0.75
CA HIS H 82 -6.62 -10.53 0.29
C HIS H 82 -8.12 -10.73 0.47
N TYR H 83 -8.86 -10.90 -0.63
CA TYR H 83 -10.32 -11.01 -0.54
C TYR H 83 -10.76 -12.29 0.12
N ASN H 84 -10.01 -13.37 -0.02
CA ASN H 84 -10.38 -14.63 0.62
C ASN H 84 -9.72 -14.81 1.98
N LYS H 85 -9.08 -13.76 2.50
CA LYS H 85 -8.38 -13.81 3.79
C LYS H 85 -7.36 -14.94 3.81
N ARG H 86 -6.69 -15.15 2.69
CA ARG H 86 -5.66 -16.17 2.56
C ARG H 86 -4.32 -15.50 2.36
N SER H 87 -3.29 -16.02 3.04
CA SER H 87 -1.97 -15.41 3.00
C SER H 87 -1.01 -16.16 2.09
N THR H 88 -1.49 -17.10 1.28
CA THR H 88 -0.65 -17.85 0.37
C THR H 88 -1.17 -17.69 -1.05
N ILE H 89 -0.27 -17.38 -1.98
CA ILE H 89 -0.62 -17.30 -3.40
C ILE H 89 -0.37 -18.67 -4.02
N THR H 90 -1.45 -19.43 -4.21
CA THR H 90 -1.38 -20.78 -4.76
C THR H 90 -1.87 -20.76 -6.21
N SER H 91 -1.83 -21.94 -6.84
CA SER H 91 -2.16 -22.01 -8.26
C SER H 91 -3.65 -21.79 -8.54
N ARG H 92 -4.51 -22.03 -7.55
CA ARG H 92 -5.95 -21.88 -7.77
C ARG H 92 -6.31 -20.44 -8.11
N GLU H 93 -5.83 -19.49 -7.31
CA GLU H 93 -6.06 -18.09 -7.60
C GLU H 93 -5.21 -17.53 -8.72
N ILE H 94 -4.07 -18.16 -9.04
CA ILE H 94 -3.41 -17.82 -10.29
C ILE H 94 -4.31 -18.15 -11.47
N GLN H 95 -4.97 -19.32 -11.41
CA GLN H 95 -5.88 -19.72 -12.47
C GLN H 95 -7.09 -18.81 -12.54
N THR H 96 -7.62 -18.41 -11.38
CA THR H 96 -8.73 -17.47 -11.35
C THR H 96 -8.33 -16.12 -11.94
N ALA H 97 -7.12 -15.65 -11.63
CA ALA H 97 -6.63 -14.42 -12.24
C ALA H 97 -6.49 -14.55 -13.74
N VAL H 98 -6.02 -15.70 -14.22
CA VAL H 98 -5.95 -15.94 -15.66
C VAL H 98 -7.33 -15.84 -16.28
N ARG H 99 -8.32 -16.46 -15.65
CA ARG H 99 -9.68 -16.44 -16.18
C ARG H 99 -10.25 -15.02 -16.17
N LEU H 100 -9.90 -14.23 -15.17
CA LEU H 100 -10.42 -12.87 -15.08
C LEU H 100 -9.80 -11.94 -16.11
N LEU H 101 -8.49 -12.04 -16.30
CA LEU H 101 -7.83 -11.07 -17.17
C LEU H 101 -7.86 -11.48 -18.64
N LEU H 102 -7.50 -12.72 -18.96
CA LEU H 102 -7.44 -13.08 -20.36
C LEU H 102 -8.84 -13.21 -20.95
N PRO H 103 -9.02 -12.88 -22.23
CA PRO H 103 -10.35 -12.97 -22.84
C PRO H 103 -10.86 -14.39 -22.98
N GLY H 104 -12.04 -14.55 -23.58
CA GLY H 104 -12.77 -15.81 -23.57
C GLY H 104 -12.03 -17.04 -24.05
N GLU H 105 -11.77 -17.13 -25.36
CA GLU H 105 -11.19 -18.36 -25.90
C GLU H 105 -9.72 -18.48 -25.53
N LEU H 106 -9.04 -17.35 -25.36
CA LEU H 106 -7.65 -17.38 -24.91
C LEU H 106 -7.53 -17.96 -23.51
N ALA H 107 -8.54 -17.71 -22.66
CA ALA H 107 -8.48 -18.18 -21.29
C ALA H 107 -8.54 -19.70 -21.21
N LYS H 108 -9.34 -20.33 -22.08
CA LYS H 108 -9.44 -21.78 -22.06
C LYS H 108 -8.11 -22.43 -22.40
N HIS H 109 -7.43 -21.93 -23.43
CA HIS H 109 -6.14 -22.50 -23.79
C HIS H 109 -5.10 -22.22 -22.71
N ALA H 110 -5.11 -21.01 -22.14
CA ALA H 110 -4.15 -20.69 -21.10
C ALA H 110 -4.35 -21.57 -19.86
N VAL H 111 -5.59 -21.76 -19.45
CA VAL H 111 -5.85 -22.60 -18.28
C VAL H 111 -5.51 -24.05 -18.59
N SER H 112 -5.71 -24.49 -19.84
CA SER H 112 -5.33 -25.85 -20.20
C SER H 112 -3.82 -26.04 -20.11
N GLU H 113 -3.05 -25.06 -20.62
CA GLU H 113 -1.60 -25.13 -20.53
C GLU H 113 -1.14 -25.12 -19.07
N GLY H 114 -1.74 -24.27 -18.25
CA GLY H 114 -1.35 -24.22 -16.85
C GLY H 114 -1.61 -25.53 -16.12
N THR H 115 -2.80 -26.11 -16.33
CA THR H 115 -3.10 -27.38 -15.69
C THR H 115 -2.17 -28.48 -16.19
N LYS H 116 -1.87 -28.48 -17.50
CA LYS H 116 -0.95 -29.47 -18.03
C LYS H 116 0.43 -29.34 -17.39
N ALA H 117 0.92 -28.11 -17.24
CA ALA H 117 2.23 -27.90 -16.65
C ALA H 117 2.26 -28.33 -15.19
N VAL H 118 1.23 -27.98 -14.43
CA VAL H 118 1.21 -28.35 -13.01
C VAL H 118 1.11 -29.86 -12.85
N THR H 119 0.27 -30.51 -13.67
CA THR H 119 0.17 -31.97 -13.59
C THR H 119 1.50 -32.63 -13.96
N LYS H 120 2.19 -32.11 -14.97
CA LYS H 120 3.48 -32.67 -15.34
C LYS H 120 4.50 -32.48 -14.22
N TYR H 121 4.49 -31.31 -13.58
CA TYR H 121 5.41 -31.05 -12.47
C TYR H 121 5.14 -31.99 -11.31
N THR H 122 3.87 -32.18 -10.96
CA THR H 122 3.53 -33.05 -9.84
C THR H 122 3.83 -34.51 -10.15
N SER H 123 3.56 -34.95 -11.37
CA SER H 123 3.83 -36.34 -11.74
C SER H 123 5.32 -36.62 -11.80
N SER H 124 6.09 -35.69 -12.36
CA SER H 124 7.53 -35.88 -12.47
C SER H 124 8.24 -35.42 -11.20
P 8OG I 34 10.54 -0.99 33.06
OP1 8OG I 34 10.75 -2.26 33.84
OP2 8OG I 34 9.82 0.00 33.87
O5' 8OG I 34 11.90 -0.39 32.57
C5' 8OG I 34 12.88 -1.26 31.94
C4' 8OG I 34 14.00 -0.39 31.39
O4' 8OG I 34 14.93 0.09 32.40
C3' 8OG I 34 14.85 -1.05 30.32
O3' 8OG I 34 15.26 -0.16 29.32
C2' 8OG I 34 16.07 -1.50 31.08
C1' 8OG I 34 16.15 -0.56 32.25
N9 8OG I 34 16.51 -1.16 33.55
C8 8OG I 34 16.05 -2.37 34.08
N7 8OG I 34 16.62 -2.51 35.29
C5 8OG I 34 17.43 -1.44 35.56
C6 8OG I 34 18.28 -1.06 36.68
O6 8OG I 34 18.45 -1.68 37.72
N1 8OG I 34 18.91 0.15 36.48
C2 8OG I 34 18.80 0.94 35.37
N2 8OG I 34 19.48 2.10 35.33
N3 8OG I 34 18.01 0.60 34.32
C4 8OG I 34 17.36 -0.60 34.47
O8 8OG I 34 15.27 -3.15 33.56
N GLY K 12 7.72 -25.34 54.20
CA GLY K 12 7.48 -24.05 53.57
C GLY K 12 8.48 -22.96 53.90
N HIS K 13 8.26 -21.78 53.34
CA HIS K 13 9.15 -20.65 53.58
C HIS K 13 9.04 -20.20 55.05
N ARG K 14 10.18 -20.02 55.69
CA ARG K 14 10.18 -19.60 57.10
C ARG K 14 9.82 -18.14 57.29
N THR K 15 9.38 -17.83 58.49
CA THR K 15 9.04 -16.45 58.84
C THR K 15 9.70 -16.23 60.20
N LEU K 16 10.05 -14.98 60.49
CA LEU K 16 10.73 -14.67 61.75
C LEU K 16 9.94 -15.11 62.99
N ALA K 17 8.62 -15.00 62.90
CA ALA K 17 7.76 -15.36 64.03
C ALA K 17 7.52 -16.86 64.16
N SER K 18 7.57 -17.63 63.07
CA SER K 18 7.22 -19.08 63.18
C SER K 18 8.42 -19.91 63.63
N THR K 19 9.65 -19.57 63.21
CA THR K 19 10.78 -20.43 63.57
C THR K 19 11.94 -19.60 64.11
N PRO K 20 11.69 -18.82 65.16
CA PRO K 20 12.63 -17.93 65.84
C PRO K 20 14.07 -18.44 66.00
N ALA K 21 14.19 -19.70 66.43
CA ALA K 21 15.52 -20.32 66.68
C ALA K 21 16.21 -20.71 65.36
N LEU K 22 15.74 -20.19 64.22
CA LEU K 22 16.44 -20.38 62.96
C LEU K 22 16.95 -19.09 62.32
N TRP K 23 16.76 -17.97 62.99
CA TRP K 23 17.23 -16.68 62.44
C TRP K 23 18.39 -16.07 63.22
N ALA K 24 19.27 -15.40 62.48
CA ALA K 24 20.43 -14.71 63.05
C ALA K 24 20.37 -13.29 62.51
N SER K 25 20.80 -12.33 63.33
CA SER K 25 20.74 -10.93 62.95
C SER K 25 22.07 -10.30 62.58
N ILE K 26 21.97 -9.16 61.91
CA ILE K 26 23.11 -8.37 61.49
C ILE K 26 22.72 -6.92 61.75
N PRO K 27 23.52 -6.22 62.56
CA PRO K 27 23.22 -4.82 62.86
C PRO K 27 23.07 -4.07 61.54
N CYS K 28 21.92 -3.46 61.33
CA CYS K 28 21.69 -2.73 60.09
C CYS K 28 20.39 -1.95 60.20
N PRO K 29 20.48 -0.63 60.36
CA PRO K 29 19.29 0.23 60.48
C PRO K 29 18.61 0.40 59.11
N ARG K 30 17.30 0.56 59.15
CA ARG K 30 16.51 0.75 57.93
C ARG K 30 17.08 1.87 57.06
N SER K 31 17.64 2.91 57.69
CA SER K 31 18.22 4.04 56.95
C SER K 31 19.42 3.62 56.11
N GLU K 32 20.00 2.47 56.46
CA GLU K 32 21.15 1.95 55.74
C GLU K 32 20.72 0.90 54.70
N LEU K 33 19.51 0.35 54.86
CA LEU K 33 18.98 -0.65 53.92
C LEU K 33 17.47 -0.87 54.00
N ARG K 34 16.81 -0.82 52.84
CA ARG K 34 15.38 -1.06 52.72
C ARG K 34 15.22 -2.18 51.68
N LEU K 35 15.05 -3.43 52.13
CA LEU K 35 14.93 -4.59 51.20
C LEU K 35 13.83 -4.34 50.17
N ASP K 36 12.68 -3.79 50.58
CA ASP K 36 11.59 -3.59 49.66
C ASP K 36 11.94 -2.59 48.56
N LEU K 37 12.98 -1.80 48.76
CA LEU K 37 13.37 -0.83 47.74
C LEU K 37 14.58 -1.28 46.91
N VAL K 38 15.20 -2.37 47.31
CA VAL K 38 16.36 -2.87 46.58
C VAL K 38 16.12 -4.16 45.80
N LEU K 39 15.61 -5.19 46.47
CA LEU K 39 15.42 -6.49 45.83
C LEU K 39 14.47 -6.59 44.62
N PRO K 40 13.40 -5.79 44.57
CA PRO K 40 12.51 -5.89 43.41
C PRO K 40 12.69 -4.74 42.40
N SER K 41 13.74 -3.95 42.58
CA SER K 41 13.94 -2.78 41.72
C SER K 41 14.78 -2.90 40.46
N GLY K 42 15.01 -4.14 40.00
CA GLY K 42 15.72 -4.35 38.72
C GLY K 42 17.23 -4.47 38.82
N GLN K 43 17.78 -4.66 40.02
CA GLN K 43 19.23 -4.82 40.18
C GLN K 43 19.43 -6.32 40.01
N SER K 44 18.80 -7.09 40.89
CA SER K 44 18.83 -8.55 40.86
C SER K 44 17.39 -8.96 40.56
N PHE K 45 17.19 -10.02 39.77
CA PHE K 45 15.83 -10.45 39.46
C PHE K 45 15.48 -11.77 40.13
N ARG K 46 16.25 -12.15 41.15
CA ARG K 46 16.04 -13.42 41.83
C ARG K 46 15.41 -13.41 43.23
N TRP K 47 14.85 -12.29 43.65
CA TRP K 47 14.23 -12.26 44.98
C TRP K 47 12.73 -12.13 44.95
N ARG K 48 12.06 -12.92 45.77
CA ARG K 48 10.61 -12.90 45.85
C ARG K 48 10.13 -12.75 47.29
N GLU K 49 9.14 -11.87 47.48
CA GLU K 49 8.56 -11.66 48.80
C GLU K 49 7.50 -12.75 48.99
N GLN K 50 7.95 -13.99 49.15
CA GLN K 50 7.05 -15.13 49.28
C GLN K 50 6.02 -14.96 50.40
N SER K 51 6.43 -14.25 51.44
CA SER K 51 5.59 -13.94 52.59
C SER K 51 5.78 -12.43 52.84
N PRO K 52 4.71 -11.73 53.27
CA PRO K 52 4.85 -10.29 53.52
C PRO K 52 6.07 -9.89 54.35
N ALA K 53 6.85 -8.97 53.78
CA ALA K 53 8.06 -8.44 54.39
C ALA K 53 9.21 -9.46 54.49
N HIS K 54 9.05 -10.61 53.85
CA HIS K 54 10.08 -11.65 53.84
C HIS K 54 10.50 -11.99 52.40
N TRP K 55 11.76 -11.73 52.07
CA TRP K 55 12.27 -11.99 50.72
C TRP K 55 13.18 -13.22 50.67
N SER K 56 12.87 -14.15 49.76
CA SER K 56 13.64 -15.37 49.59
C SER K 56 14.32 -15.45 48.22
N GLY K 57 15.53 -16.01 48.18
CA GLY K 57 16.28 -16.13 46.95
C GLY K 57 17.59 -16.89 47.14
N VAL K 58 18.36 -17.04 46.07
CA VAL K 58 19.62 -17.75 46.17
C VAL K 58 20.77 -16.78 46.37
N LEU K 59 21.58 -17.06 47.38
CA LEU K 59 22.71 -16.19 47.69
C LEU K 59 23.89 -17.06 48.06
N ALA K 60 24.94 -16.97 47.28
CA ALA K 60 26.15 -17.75 47.50
C ALA K 60 25.82 -19.26 47.44
N ASP K 61 25.19 -19.66 46.35
CA ASP K 61 24.82 -21.06 46.12
C ASP K 61 23.87 -21.75 47.11
N GLN K 62 23.11 -20.97 47.86
CA GLN K 62 22.10 -21.55 48.75
C GLN K 62 20.93 -20.60 48.96
N VAL K 63 19.82 -21.14 49.40
CA VAL K 63 18.61 -20.35 49.60
C VAL K 63 18.61 -19.62 50.95
N TRP K 64 18.04 -18.41 50.94
CA TRP K 64 17.92 -17.56 52.12
C TRP K 64 16.57 -16.83 52.13
N THR K 65 16.13 -16.45 53.32
CA THR K 65 14.92 -15.65 53.46
C THR K 65 15.43 -14.50 54.33
N LEU K 66 15.06 -13.28 53.95
CA LEU K 66 15.53 -12.10 54.67
C LEU K 66 14.36 -11.18 55.01
N THR K 67 14.40 -10.61 56.21
CA THR K 67 13.37 -9.71 56.68
C THR K 67 14.04 -8.76 57.67
N GLN K 68 13.51 -7.53 57.77
CA GLN K 68 14.19 -6.52 58.61
C GLN K 68 13.25 -5.85 59.63
N THR K 69 13.77 -5.50 60.80
CA THR K 69 13.05 -4.77 61.83
C THR K 69 13.63 -3.35 61.75
N GLU K 70 13.49 -2.55 62.80
CA GLU K 70 14.01 -1.18 62.74
C GLU K 70 15.53 -1.07 62.74
N GLU K 71 16.20 -1.87 63.55
CA GLU K 71 17.66 -1.79 63.60
C GLU K 71 18.36 -3.09 63.22
N GLN K 72 17.60 -4.09 62.81
CA GLN K 72 18.20 -5.38 62.48
C GLN K 72 17.79 -6.02 61.16
N LEU K 73 18.72 -6.78 60.55
CA LEU K 73 18.47 -7.51 59.32
C LEU K 73 18.48 -8.97 59.73
N HIS K 74 17.31 -9.62 59.71
CA HIS K 74 17.20 -11.01 60.12
C HIS K 74 17.39 -11.94 58.92
N CYS K 75 18.23 -12.95 59.10
CA CYS K 75 18.56 -13.90 58.04
C CYS K 75 18.40 -15.36 58.45
N THR K 76 18.05 -16.21 57.49
CA THR K 76 17.88 -17.65 57.73
C THR K 76 18.32 -18.39 56.46
N SER K 83 18.94 -28.26 52.99
CA SER K 83 18.07 -28.69 54.12
C SER K 83 18.60 -28.10 55.43
N GLN K 84 18.52 -26.77 55.57
CA GLN K 84 19.05 -26.10 56.80
C GLN K 84 18.23 -26.55 58.01
N ALA K 85 18.90 -26.77 59.15
CA ALA K 85 18.21 -27.17 60.40
C ALA K 85 18.79 -26.37 61.57
N SER K 86 19.39 -25.21 61.29
CA SER K 86 20.05 -24.41 62.32
C SER K 86 20.20 -22.97 61.86
N ARG K 87 20.50 -22.08 62.80
CA ARG K 87 20.68 -20.66 62.49
C ARG K 87 21.93 -20.45 61.63
N PRO K 88 21.94 -19.36 60.85
CA PRO K 88 23.10 -19.07 59.98
C PRO K 88 24.37 -18.88 60.82
N THR K 89 25.49 -19.40 60.33
CA THR K 89 26.75 -19.26 61.04
C THR K 89 27.37 -17.89 60.70
N PRO K 90 28.34 -17.45 61.52
CA PRO K 90 29.01 -16.16 61.31
C PRO K 90 29.64 -16.08 59.92
N ASP K 91 30.22 -17.19 59.47
CA ASP K 91 30.84 -17.26 58.15
C ASP K 91 29.77 -17.06 57.08
N GLU K 92 28.62 -17.70 57.26
CA GLU K 92 27.53 -17.59 56.30
C GLU K 92 26.94 -16.18 56.34
N LEU K 93 26.84 -15.60 57.52
CA LEU K 93 26.31 -14.24 57.63
C LEU K 93 27.21 -13.25 56.89
N GLU K 94 28.50 -13.53 56.86
CA GLU K 94 29.42 -12.66 56.17
C GLU K 94 29.11 -12.65 54.68
N ALA K 95 28.56 -13.76 54.19
CA ALA K 95 28.20 -13.86 52.79
C ALA K 95 27.13 -12.81 52.48
N VAL K 96 26.22 -12.62 53.43
CA VAL K 96 25.15 -11.65 53.29
C VAL K 96 25.69 -10.21 53.33
N ARG K 97 26.58 -9.92 54.29
CA ARG K 97 27.13 -8.57 54.39
C ARG K 97 27.85 -8.16 53.11
N LYS K 98 28.60 -9.10 52.55
CA LYS K 98 29.33 -8.85 51.31
C LYS K 98 28.39 -8.60 50.13
N TYR K 99 27.28 -9.33 50.07
CA TYR K 99 26.28 -9.19 49.00
C TYR K 99 25.65 -7.80 49.02
N PHE K 100 25.42 -7.27 50.22
CA PHE K 100 24.83 -5.95 50.39
C PHE K 100 25.90 -4.86 50.62
N GLN K 101 27.17 -5.27 50.50
CA GLN K 101 28.31 -4.34 50.67
C GLN K 101 28.07 -3.44 51.87
N LEU K 102 27.84 -4.06 53.02
CA LEU K 102 27.55 -3.32 54.24
C LEU K 102 28.67 -2.49 54.87
N ASP K 103 29.89 -2.60 54.37
CA ASP K 103 30.97 -1.79 54.93
C ASP K 103 30.84 -0.38 54.38
N VAL K 104 30.11 -0.24 53.27
CA VAL K 104 29.89 1.07 52.67
C VAL K 104 28.73 1.71 53.44
N THR K 105 28.98 2.91 53.99
CA THR K 105 27.96 3.61 54.77
C THR K 105 27.11 4.46 53.83
N LEU K 106 25.87 4.05 53.63
CA LEU K 106 24.94 4.75 52.74
C LEU K 106 24.65 6.17 53.24
N ALA K 107 24.64 6.36 54.56
CA ALA K 107 24.37 7.67 55.14
C ALA K 107 25.39 8.71 54.67
N GLN K 108 26.66 8.30 54.56
CA GLN K 108 27.72 9.19 54.10
C GLN K 108 27.53 9.54 52.63
N LEU K 109 27.10 8.55 51.84
CA LEU K 109 26.87 8.80 50.42
C LEU K 109 25.69 9.73 50.20
N TYR K 110 24.58 9.46 50.88
CA TYR K 110 23.39 10.29 50.74
C TYR K 110 23.74 11.74 51.11
N HIS K 111 24.51 11.91 52.19
CA HIS K 111 24.93 13.24 52.64
C HIS K 111 25.62 13.97 51.49
N HIS K 112 26.68 13.36 50.96
CA HIS K 112 27.42 13.96 49.88
C HIS K 112 26.55 14.29 48.66
N TRP K 113 25.84 13.30 48.13
CA TRP K 113 25.00 13.56 46.96
C TRP K 113 23.98 14.66 47.29
N GLY K 114 23.38 14.58 48.48
CA GLY K 114 22.41 15.59 48.86
C GLY K 114 23.01 16.99 48.87
N SER K 115 24.27 17.08 49.30
CA SER K 115 24.96 18.36 49.40
C SER K 115 25.26 19.04 48.08
N VAL K 116 25.45 18.26 47.03
CA VAL K 116 25.77 18.81 45.72
C VAL K 116 24.62 18.76 44.72
N ASP K 117 23.46 18.29 45.17
CA ASP K 117 22.32 18.16 44.29
C ASP K 117 21.05 18.23 45.12
N SER K 118 20.47 19.43 45.20
CA SER K 118 19.26 19.62 46.00
C SER K 118 18.09 18.76 45.52
N HIS K 119 18.06 18.38 44.25
CA HIS K 119 16.96 17.55 43.83
C HIS K 119 17.09 16.17 44.46
N PHE K 120 18.32 15.65 44.48
CA PHE K 120 18.57 14.34 45.08
C PHE K 120 18.17 14.39 46.54
N GLN K 121 18.47 15.50 47.20
CA GLN K 121 18.14 15.63 48.61
C GLN K 121 16.64 15.48 48.84
N GLU K 122 15.84 16.11 47.97
CA GLU K 122 14.35 16.01 48.10
C GLU K 122 13.91 14.56 47.98
N VAL K 123 14.40 13.85 46.94
CA VAL K 123 14.00 12.47 46.72
C VAL K 123 14.54 11.56 47.82
N ALA K 124 15.80 11.76 48.17
CA ALA K 124 16.49 10.97 49.19
C ALA K 124 15.80 11.00 50.55
N GLN K 125 15.03 12.06 50.82
CA GLN K 125 14.29 12.16 52.10
C GLN K 125 13.23 11.06 52.18
N LYS K 126 12.63 10.70 51.04
CA LYS K 126 11.55 9.71 51.02
C LYS K 126 11.99 8.29 50.63
N PHE K 127 13.17 8.17 50.01
CA PHE K 127 13.64 6.85 49.61
C PHE K 127 15.01 6.56 50.20
N GLN K 128 15.00 6.29 51.51
CA GLN K 128 16.27 5.95 52.20
C GLN K 128 16.57 4.47 52.03
N GLY K 129 17.80 4.08 52.28
CA GLY K 129 18.20 2.68 52.20
C GLY K 129 18.35 2.01 50.85
N VAL K 130 18.41 2.77 49.77
CA VAL K 130 18.59 2.12 48.46
C VAL K 130 20.09 1.99 48.22
N ARG K 131 20.61 0.78 48.41
CA ARG K 131 22.03 0.56 48.19
C ARG K 131 22.23 -0.35 46.99
N LEU K 132 23.50 -0.65 46.69
CA LEU K 132 23.83 -1.49 45.55
C LEU K 132 24.30 -2.89 45.95
N LEU K 133 23.97 -3.88 45.14
CA LEU K 133 24.32 -5.28 45.52
C LEU K 133 25.63 -5.75 44.89
N ARG K 134 26.55 -6.29 45.69
CA ARG K 134 27.73 -6.95 45.08
C ARG K 134 27.14 -8.16 44.36
N GLN K 135 27.59 -8.47 43.14
CA GLN K 135 26.90 -9.57 42.40
C GLN K 135 27.88 -10.53 41.72
N ASP K 136 27.35 -11.65 41.20
CA ASP K 136 28.24 -12.55 40.48
C ASP K 136 28.24 -12.13 39.02
N PRO K 137 29.43 -12.05 38.40
CA PRO K 137 29.57 -11.63 37.00
C PRO K 137 28.71 -12.40 36.00
N ILE K 138 28.71 -13.72 36.11
CA ILE K 138 27.94 -14.53 35.17
C ILE K 138 26.43 -14.30 35.29
N GLU K 139 25.91 -14.34 36.52
CA GLU K 139 24.48 -14.12 36.71
C GLU K 139 24.08 -12.71 36.23
N CYS K 140 24.90 -11.74 36.57
CA CYS K 140 24.63 -10.36 36.18
C CYS K 140 24.65 -10.18 34.67
N LEU K 141 25.62 -10.80 34.01
CA LEU K 141 25.73 -10.68 32.56
C LEU K 141 24.51 -11.20 31.80
N PHE K 142 24.10 -12.42 32.13
CA PHE K 142 22.96 -12.99 31.42
C PHE K 142 21.60 -12.45 31.86
N SER K 143 21.48 -12.01 33.10
CA SER K 143 20.22 -11.46 33.57
C SER K 143 19.98 -10.14 32.82
N PHE K 144 21.01 -9.31 32.72
CA PHE K 144 20.84 -8.04 32.03
C PHE K 144 20.79 -8.19 30.52
N ILE K 145 21.29 -9.32 30.02
CA ILE K 145 21.17 -9.53 28.58
C ILE K 145 19.67 -9.73 28.35
N CYS K 146 18.96 -10.26 29.35
CA CYS K 146 17.49 -10.46 29.25
C CYS K 146 16.75 -9.17 29.63
N SER K 147 17.40 -8.25 30.33
CA SER K 147 16.82 -6.93 30.74
C SER K 147 16.48 -6.08 29.52
N SER K 148 17.26 -6.16 28.44
CA SER K 148 17.14 -5.24 27.29
C SER K 148 15.75 -5.21 26.63
N ASN K 149 15.27 -4.01 26.25
CA ASN K 149 13.92 -3.82 25.60
C ASN K 149 12.87 -4.69 26.31
N ASN K 150 12.70 -4.49 27.62
CA ASN K 150 11.81 -5.37 28.37
C ASN K 150 11.36 -4.70 29.67
N ASN K 151 10.42 -5.32 30.38
CA ASN K 151 9.94 -4.79 31.66
C ASN K 151 10.34 -5.74 32.80
N ILE K 152 10.59 -5.18 33.97
CA ILE K 152 11.02 -5.96 35.13
C ILE K 152 10.16 -7.17 35.46
N ALA K 153 8.85 -7.05 35.30
CA ALA K 153 7.97 -8.16 35.57
C ALA K 153 8.31 -9.34 34.65
N ARG K 154 8.39 -9.08 33.34
CA ARG K 154 8.69 -10.15 32.36
C ARG K 154 10.11 -10.66 32.56
N ILE K 155 11.10 -9.75 32.69
CA ILE K 155 12.49 -10.14 32.87
C ILE K 155 12.60 -11.15 34.00
N THR K 156 11.92 -10.86 35.12
CA THR K 156 11.94 -11.74 36.28
C THR K 156 11.50 -13.18 35.92
N GLY K 157 10.45 -13.30 35.12
CA GLY K 157 9.98 -14.61 34.72
C GLY K 157 10.98 -15.37 33.86
N MET K 158 11.46 -14.64 32.86
CA MET K 158 12.47 -15.19 31.93
C MET K 158 13.66 -15.75 32.70
N VAL K 159 14.22 -14.99 33.63
CA VAL K 159 15.38 -15.40 34.40
C VAL K 159 15.09 -16.63 35.26
N GLU K 160 13.86 -16.72 35.77
CA GLU K 160 13.45 -17.86 36.59
C GLU K 160 13.38 -19.12 35.74
N ARG K 161 12.78 -19.01 34.56
CA ARG K 161 12.66 -20.17 33.68
C ARG K 161 14.03 -20.57 33.15
N LEU K 162 14.91 -19.59 32.96
CA LEU K 162 16.26 -19.87 32.48
C LEU K 162 17.05 -20.67 33.53
N CYS K 163 16.87 -20.33 34.81
CA CYS K 163 17.56 -21.04 35.88
C CYS K 163 16.96 -22.43 36.14
N GLN K 164 15.63 -22.54 36.07
CA GLN K 164 14.96 -23.85 36.28
C GLN K 164 15.42 -24.84 35.21
N ALA K 165 15.50 -24.38 33.96
CA ALA K 165 15.88 -25.21 32.83
C ALA K 165 17.36 -25.56 32.74
N PHE K 166 18.25 -24.63 33.08
CA PHE K 166 19.69 -24.93 32.95
C PHE K 166 20.54 -24.80 34.20
N GLY K 167 19.91 -24.44 35.32
CA GLY K 167 20.68 -24.28 36.54
C GLY K 167 20.56 -25.45 37.52
N PRO K 168 21.53 -25.60 38.43
CA PRO K 168 21.55 -26.66 39.44
C PRO K 168 20.35 -26.56 40.37
N ARG K 169 19.72 -27.69 40.66
CA ARG K 169 18.58 -27.75 41.55
C ARG K 169 19.05 -27.67 42.99
N LEU K 170 18.52 -26.72 43.75
CA LEU K 170 18.91 -26.55 45.14
C LEU K 170 17.93 -27.23 46.11
N ILE K 171 17.01 -26.48 46.71
CA ILE K 171 16.03 -27.09 47.61
C ILE K 171 14.62 -26.61 47.25
N GLN K 172 13.61 -27.25 47.82
CA GLN K 172 12.22 -26.90 47.52
C GLN K 172 11.47 -26.41 48.77
N LEU K 173 10.80 -25.28 48.65
CA LEU K 173 10.03 -24.74 49.78
C LEU K 173 8.63 -24.56 49.24
N ASP K 174 7.65 -25.23 49.87
CA ASP K 174 6.27 -25.19 49.39
C ASP K 174 6.30 -25.75 47.97
N ASP K 175 5.77 -25.00 47.00
CA ASP K 175 5.77 -25.47 45.62
C ASP K 175 6.83 -24.77 44.77
N VAL K 176 7.81 -24.14 45.43
CA VAL K 176 8.88 -23.43 44.73
C VAL K 176 10.19 -24.19 44.82
N THR K 177 10.76 -24.55 43.67
CA THR K 177 12.04 -25.25 43.64
C THR K 177 13.11 -24.23 43.21
N TYR K 178 14.06 -23.95 44.09
CA TYR K 178 15.12 -23.00 43.79
C TYR K 178 16.26 -23.64 43.00
N HIS K 179 16.78 -22.87 42.04
CA HIS K 179 17.89 -23.32 41.20
C HIS K 179 19.05 -22.33 41.23
N GLY K 180 20.27 -22.85 41.13
CA GLY K 180 21.42 -21.96 41.08
C GLY K 180 21.43 -21.38 39.67
N PHE K 181 22.25 -20.35 39.46
CA PHE K 181 22.34 -19.75 38.14
C PHE K 181 23.13 -20.67 37.19
N PRO K 182 22.70 -20.77 35.93
CA PRO K 182 23.38 -21.64 34.96
C PRO K 182 24.86 -21.31 34.77
N SER K 183 25.65 -22.33 34.43
CA SER K 183 27.07 -22.14 34.19
C SER K 183 27.27 -21.75 32.73
N LEU K 184 28.49 -21.32 32.41
CA LEU K 184 28.83 -20.94 31.04
C LEU K 184 28.70 -22.18 30.15
N GLN K 185 29.25 -23.30 30.62
CA GLN K 185 29.20 -24.56 29.82
C GLN K 185 27.75 -24.91 29.48
N ALA K 186 26.83 -24.76 30.44
CA ALA K 186 25.43 -25.13 30.19
C ALA K 186 24.75 -24.19 29.22
N LEU K 187 24.98 -22.89 29.38
CA LEU K 187 24.36 -21.90 28.50
C LEU K 187 24.93 -22.02 27.08
N ALA K 188 26.15 -22.57 26.99
CA ALA K 188 26.79 -22.76 25.68
C ALA K 188 26.42 -24.09 25.05
N GLY K 189 25.56 -24.84 25.72
CA GLY K 189 25.17 -26.15 25.20
C GLY K 189 24.38 -26.16 23.91
N PRO K 190 24.19 -27.36 23.33
CA PRO K 190 23.45 -27.54 22.08
C PRO K 190 21.95 -27.32 22.20
N GLU K 191 21.39 -26.59 21.24
CA GLU K 191 19.97 -26.28 21.19
C GLU K 191 19.44 -25.43 22.36
N VAL K 192 20.33 -24.71 23.03
CA VAL K 192 19.90 -23.86 24.14
C VAL K 192 18.98 -22.74 23.65
N GLU K 193 19.33 -22.15 22.50
CA GLU K 193 18.54 -21.07 21.93
C GLU K 193 17.10 -21.49 21.71
N ALA K 194 16.92 -22.61 21.02
CA ALA K 194 15.60 -23.12 20.72
C ALA K 194 14.79 -23.34 21.99
N HIS K 195 15.46 -23.84 23.03
CA HIS K 195 14.80 -24.12 24.31
C HIS K 195 14.33 -22.81 24.94
N LEU K 196 15.22 -21.82 24.95
CA LEU K 196 14.92 -20.51 25.59
C LEU K 196 13.84 -19.75 24.80
N ARG K 197 13.72 -19.98 23.50
CA ARG K 197 12.64 -19.35 22.68
C ARG K 197 11.29 -19.96 23.11
N LYS K 198 11.25 -21.26 23.41
CA LYS K 198 10.03 -21.91 23.87
C LYS K 198 9.71 -21.44 25.29
N LEU K 199 10.74 -20.92 25.98
CA LEU K 199 10.57 -20.41 27.34
C LEU K 199 10.22 -18.92 27.29
N GLY K 200 10.01 -18.42 26.08
CA GLY K 200 9.61 -17.03 25.89
C GLY K 200 10.62 -15.91 26.02
N LEU K 201 11.89 -16.20 25.73
CA LEU K 201 12.96 -15.17 25.88
C LEU K 201 12.97 -14.26 24.65
N GLY K 202 12.22 -14.59 23.60
CA GLY K 202 12.27 -13.83 22.36
C GLY K 202 13.66 -13.91 21.75
N TYR K 203 14.01 -12.87 20.98
CA TYR K 203 15.31 -12.83 20.32
C TYR K 203 16.51 -12.86 21.27
N ARG K 204 16.28 -12.60 22.55
CA ARG K 204 17.38 -12.63 23.49
C ARG K 204 17.92 -14.04 23.69
N ALA K 205 17.13 -15.03 23.30
CA ALA K 205 17.52 -16.44 23.39
C ALA K 205 18.84 -16.64 22.64
N ARG K 206 19.01 -15.88 21.54
CA ARG K 206 20.23 -16.04 20.69
C ARG K 206 21.38 -15.38 21.37
N TYR K 207 21.02 -14.28 21.98
CA TYR K 207 22.06 -13.54 22.69
C TYR K 207 22.70 -14.34 23.81
N VAL K 208 21.87 -15.08 24.55
CA VAL K 208 22.36 -15.89 25.66
C VAL K 208 23.28 -17.00 25.14
N SER K 209 22.79 -17.75 24.15
CA SER K 209 23.58 -18.83 23.58
C SER K 209 24.87 -18.28 22.99
N ALA K 210 24.73 -17.30 22.10
CA ALA K 210 25.87 -16.68 21.44
C ALA K 210 26.93 -16.10 22.38
N SER K 211 26.51 -15.44 23.46
CA SER K 211 27.49 -14.87 24.38
C SER K 211 28.20 -15.90 25.24
N ALA K 212 27.53 -17.00 25.55
CA ALA K 212 28.17 -18.03 26.36
C ALA K 212 29.33 -18.64 25.56
N ARG K 213 29.09 -18.90 24.27
CA ARG K 213 30.11 -19.48 23.41
C ARG K 213 31.28 -18.54 23.14
N ALA K 214 30.98 -17.28 22.91
CA ALA K 214 32.03 -16.30 22.63
C ALA K 214 32.99 -16.27 23.82
N ILE K 215 32.43 -16.25 25.02
CA ILE K 215 33.24 -16.20 26.22
C ILE K 215 34.08 -17.47 26.41
N LEU K 216 33.45 -18.61 26.16
CA LEU K 216 34.11 -19.89 26.31
C LEU K 216 35.07 -20.24 25.16
N GLU K 217 34.66 -19.97 23.93
CA GLU K 217 35.47 -20.30 22.77
C GLU K 217 36.32 -19.20 22.13
N GLU K 218 36.11 -17.92 22.50
CA GLU K 218 36.91 -16.85 21.91
C GLU K 218 37.62 -15.92 22.88
N GLN K 219 37.01 -15.69 24.04
CA GLN K 219 37.60 -14.76 25.00
C GLN K 219 38.43 -15.37 26.11
N GLY K 220 38.54 -16.69 26.15
CA GLY K 220 39.34 -17.31 27.19
C GLY K 220 38.58 -17.66 28.45
N GLY K 221 37.34 -18.12 28.28
CA GLY K 221 36.51 -18.54 29.39
C GLY K 221 36.22 -17.58 30.54
N LEU K 222 35.74 -18.17 31.63
CA LEU K 222 35.37 -17.45 32.84
C LEU K 222 36.42 -16.45 33.32
N ALA K 223 37.67 -16.88 33.34
CA ALA K 223 38.77 -16.04 33.79
C ALA K 223 38.75 -14.65 33.15
N TRP K 224 38.40 -14.59 31.88
CA TRP K 224 38.34 -13.33 31.13
C TRP K 224 37.35 -12.37 31.78
N LEU K 225 36.16 -12.89 32.13
CA LEU K 225 35.10 -12.02 32.73
C LEU K 225 35.48 -11.64 34.17
N GLN K 226 35.95 -12.60 34.96
CA GLN K 226 36.37 -12.32 36.32
C GLN K 226 37.53 -11.34 36.45
N GLN K 227 38.47 -11.37 35.49
CA GLN K 227 39.66 -10.47 35.52
C GLN K 227 39.21 -9.01 35.39
N LEU K 228 38.08 -8.77 34.73
CA LEU K 228 37.56 -7.42 34.51
C LEU K 228 37.36 -6.63 35.79
N ARG K 229 37.15 -7.34 36.90
CA ARG K 229 36.93 -6.65 38.17
C ARG K 229 38.17 -5.89 38.62
N GLU K 230 39.35 -6.26 38.10
CA GLU K 230 40.58 -5.57 38.46
C GLU K 230 40.92 -4.54 37.38
N SER K 231 40.31 -4.70 36.22
CA SER K 231 40.52 -3.78 35.10
C SER K 231 39.82 -2.45 35.38
N SER K 232 40.07 -1.46 34.52
CA SER K 232 39.46 -0.14 34.68
C SER K 232 38.08 -0.10 34.05
N TYR K 233 37.23 0.79 34.56
CA TYR K 233 35.87 0.94 34.04
C TYR K 233 35.92 1.03 32.52
N GLU K 234 36.76 1.94 32.02
CA GLU K 234 36.92 2.14 30.58
C GLU K 234 37.22 0.83 29.88
N GLU K 235 38.18 0.09 30.42
CA GLU K 235 38.57 -1.19 29.85
C GLU K 235 37.42 -2.19 29.92
N ALA K 236 36.89 -2.37 31.13
CA ALA K 236 35.79 -3.31 31.35
C ALA K 236 34.61 -3.08 30.41
N HIS K 237 34.08 -1.86 30.41
CA HIS K 237 32.96 -1.53 29.55
C HIS K 237 33.29 -1.87 28.10
N LYS K 238 34.52 -1.58 27.72
CA LYS K 238 35.01 -1.85 26.36
C LYS K 238 34.95 -3.35 26.07
N ALA K 239 35.47 -4.14 27.00
CA ALA K 239 35.51 -5.59 26.87
C ALA K 239 34.12 -6.22 26.73
N LEU K 240 33.16 -5.76 27.53
CA LEU K 240 31.80 -6.28 27.50
C LEU K 240 31.01 -5.98 26.22
N CYS K 241 31.19 -4.80 25.65
CA CYS K 241 30.46 -4.44 24.43
C CYS K 241 30.65 -5.41 23.27
N ILE K 242 31.65 -6.28 23.38
CA ILE K 242 31.95 -7.28 22.36
C ILE K 242 30.88 -8.38 22.30
N LEU K 243 30.44 -8.79 23.48
CA LEU K 243 29.44 -9.85 23.63
C LEU K 243 28.08 -9.55 23.00
N PRO K 244 27.43 -10.49 22.24
CA PRO K 244 26.08 -10.24 21.71
C PRO K 244 25.03 -9.91 22.78
N GLY K 245 24.21 -8.89 22.53
CA GLY K 245 23.17 -8.47 23.50
C GLY K 245 23.73 -7.57 24.59
N VAL K 246 25.01 -7.17 24.50
CA VAL K 246 25.67 -6.37 25.60
C VAL K 246 26.17 -5.01 25.11
N GLY K 247 25.29 -4.13 24.61
CA GLY K 247 25.69 -2.77 24.22
C GLY K 247 26.00 -1.85 25.41
N THR K 248 25.93 -0.53 25.23
CA THR K 248 26.36 0.42 26.30
C THR K 248 25.53 0.32 27.60
N GLN K 249 24.21 0.19 27.52
CA GLN K 249 23.39 0.21 28.78
C GLN K 249 23.67 -1.06 29.58
N VAL K 250 23.71 -2.21 28.91
CA VAL K 250 23.89 -3.50 29.58
C VAL K 250 25.29 -3.57 30.18
N ALA K 251 26.29 -3.11 29.40
CA ALA K 251 27.67 -3.12 29.85
C ALA K 251 27.85 -2.30 31.12
N ASP K 252 27.23 -1.13 31.17
CA ASP K 252 27.30 -0.28 32.36
C ASP K 252 26.64 -0.97 33.56
N CYS K 253 25.49 -1.60 33.32
CA CYS K 253 24.79 -2.32 34.39
C CYS K 253 25.73 -3.35 35.03
N ILE K 254 26.42 -4.11 34.20
CA ILE K 254 27.36 -5.14 34.69
C ILE K 254 28.55 -4.52 35.40
N CYS K 255 29.13 -3.46 34.83
CA CYS K 255 30.28 -2.79 35.46
C CYS K 255 29.94 -2.31 36.85
N LEU K 256 28.78 -1.66 36.96
CA LEU K 256 28.32 -1.12 38.24
C LEU K 256 27.90 -2.16 39.27
N MET K 257 27.13 -3.14 38.84
CA MET K 257 26.61 -4.14 39.77
C MET K 257 27.40 -5.43 39.97
N ALA K 258 28.32 -5.75 39.05
CA ALA K 258 29.08 -6.99 39.18
C ALA K 258 30.61 -6.88 39.08
N LEU K 259 31.12 -5.72 38.65
CA LEU K 259 32.56 -5.54 38.47
C LEU K 259 33.21 -4.45 39.33
N ASP K 260 32.46 -3.95 40.30
CA ASP K 260 32.93 -2.91 41.20
C ASP K 260 33.34 -1.60 40.54
N LYS K 261 32.54 -1.13 39.58
CA LYS K 261 32.82 0.14 38.91
C LYS K 261 31.71 1.08 39.38
N PRO K 262 31.83 1.61 40.61
CA PRO K 262 30.84 2.52 41.21
C PRO K 262 30.54 3.83 40.47
N GLN K 263 31.36 4.20 39.49
CA GLN K 263 31.12 5.42 38.73
C GLN K 263 30.34 5.15 37.46
N ALA K 264 30.12 3.86 37.15
CA ALA K 264 29.38 3.50 35.95
C ALA K 264 27.92 3.90 36.11
N VAL K 265 27.37 4.55 35.09
CA VAL K 265 25.98 5.02 35.13
C VAL K 265 25.16 4.52 33.95
N PRO K 266 24.30 3.52 34.18
CA PRO K 266 23.48 2.98 33.09
C PRO K 266 22.47 4.03 32.65
N VAL K 267 22.33 4.16 31.32
CA VAL K 267 21.40 5.16 30.73
C VAL K 267 20.28 4.41 30.00
N ASP K 268 19.10 4.33 30.60
CA ASP K 268 17.94 3.68 29.98
C ASP K 268 16.86 4.73 29.79
N VAL K 269 15.64 4.29 29.49
CA VAL K 269 14.53 5.20 29.31
C VAL K 269 14.24 5.96 30.62
N HIS K 270 14.33 5.27 31.74
CA HIS K 270 14.09 5.89 33.05
C HIS K 270 15.02 7.04 33.37
N MET K 271 16.34 6.81 33.22
CA MET K 271 17.30 7.87 33.50
C MET K 271 17.10 8.85 32.34
N TRP K 272 16.63 8.43 31.16
CA TRP K 272 16.42 9.48 30.11
C TRP K 272 15.40 10.49 30.63
N HIS K 273 14.18 10.05 30.97
CA HIS K 273 13.23 10.93 31.61
C HIS K 273 13.59 11.73 32.86
N ILE K 274 14.35 11.10 33.75
CA ILE K 274 14.75 11.77 34.98
C ILE K 274 15.62 13.00 34.67
N ALA K 275 16.57 12.83 33.76
CA ALA K 275 17.44 13.91 33.36
C ALA K 275 16.61 15.07 32.80
N GLN K 276 15.70 14.75 31.89
CA GLN K 276 14.85 15.76 31.28
C GLN K 276 13.91 16.53 32.20
N ARG K 277 13.14 15.83 33.02
CA ARG K 277 12.21 16.54 33.88
C ARG K 277 12.75 17.03 35.22
N ASP K 278 13.78 16.37 35.76
CA ASP K 278 14.31 16.79 37.05
C ASP K 278 15.57 17.66 37.02
N TYR K 279 16.20 17.78 35.86
CA TYR K 279 17.40 18.61 35.73
C TYR K 279 17.34 19.48 34.49
N SER K 280 16.25 19.36 33.72
CA SER K 280 16.05 20.13 32.51
C SER K 280 17.26 19.94 31.57
N TRP K 281 17.86 18.75 31.62
CA TRP K 281 19.03 18.43 30.82
C TRP K 281 18.77 18.22 29.33
N HIS K 282 19.76 18.57 28.52
CA HIS K 282 19.70 18.41 27.08
C HIS K 282 21.12 18.18 26.56
N PRO K 283 21.26 17.41 25.47
CA PRO K 283 22.59 17.14 24.91
C PRO K 283 23.22 18.45 24.37
N THR K 284 24.53 18.61 24.53
CA THR K 284 25.20 19.81 24.04
C THR K 284 26.33 19.44 23.08
N THR K 285 27.07 18.39 23.41
CA THR K 285 28.17 17.92 22.56
C THR K 285 27.60 17.00 21.51
N SER K 286 26.44 16.47 21.79
CA SER K 286 25.90 15.51 20.82
C SER K 286 25.26 16.23 19.65
N GLN K 287 24.87 15.47 18.62
CA GLN K 287 24.23 16.07 17.41
C GLN K 287 22.72 15.77 17.44
N ALA K 288 22.33 14.54 17.77
CA ALA K 288 20.90 14.15 17.87
C ALA K 288 20.24 14.86 19.06
N LYS K 289 18.94 15.14 18.98
CA LYS K 289 18.22 15.74 20.14
C LYS K 289 17.59 14.67 21.05
N GLY K 290 17.67 13.37 20.67
CA GLY K 290 17.07 12.29 21.48
C GLY K 290 18.02 11.13 21.70
N PRO K 291 17.66 10.05 22.44
CA PRO K 291 18.60 8.98 22.76
C PRO K 291 19.37 8.49 21.53
N SER K 292 20.69 8.39 21.68
CA SER K 292 21.56 7.94 20.61
C SER K 292 22.83 7.49 21.31
N PRO K 293 23.67 6.70 20.66
CA PRO K 293 24.88 6.27 21.36
C PRO K 293 25.74 7.43 21.86
N GLN K 294 25.69 8.56 21.14
CA GLN K 294 26.48 9.76 21.53
C GLN K 294 25.81 10.45 22.72
N THR K 295 24.51 10.74 22.63
CA THR K 295 23.78 11.45 23.72
C THR K 295 23.79 10.60 25.00
N ASN K 296 23.64 9.28 24.87
CA ASN K 296 23.60 8.41 26.02
C ASN K 296 24.93 8.50 26.74
N LYS K 297 26.02 8.50 25.98
CA LYS K 297 27.33 8.59 26.59
C LYS K 297 27.48 9.93 27.31
N GLU K 298 26.95 11.00 26.70
CA GLU K 298 27.06 12.31 27.32
C GLU K 298 26.27 12.36 28.64
N LEU K 299 25.04 11.86 28.62
CA LEU K 299 24.22 11.84 29.82
C LEU K 299 24.97 11.17 30.97
N GLY K 300 25.68 10.09 30.65
CA GLY K 300 26.44 9.38 31.66
C GLY K 300 27.50 10.24 32.31
N ASN K 301 28.24 10.99 31.50
CA ASN K 301 29.26 11.88 32.03
C ASN K 301 28.63 12.99 32.84
N PHE K 302 27.48 13.46 32.39
CA PHE K 302 26.76 14.51 33.10
C PHE K 302 26.51 14.02 34.52
N PHE K 303 25.95 12.83 34.66
CA PHE K 303 25.68 12.31 35.99
C PHE K 303 26.96 12.08 36.79
N ARG K 304 28.02 11.66 36.11
CA ARG K 304 29.30 11.46 36.79
C ARG K 304 29.86 12.77 37.32
N SER K 305 29.76 13.84 36.55
CA SER K 305 30.30 15.12 37.02
C SER K 305 29.39 15.74 38.08
N LEU K 306 28.14 15.28 38.15
CA LEU K 306 27.20 15.81 39.13
C LEU K 306 27.35 15.13 40.50
N TRP K 307 27.44 13.80 40.51
CA TRP K 307 27.53 13.05 41.75
C TRP K 307 28.90 12.52 42.17
N GLY K 308 29.83 12.42 41.24
CA GLY K 308 31.15 11.94 41.60
C GLY K 308 31.46 10.47 41.35
N PRO K 309 32.45 9.92 42.07
CA PRO K 309 32.94 8.52 42.01
C PRO K 309 31.88 7.42 42.18
N TYR K 310 30.90 7.66 43.03
CA TYR K 310 29.84 6.68 43.28
C TYR K 310 28.54 7.09 42.59
N ALA K 311 28.68 7.74 41.44
CA ALA K 311 27.55 8.22 40.66
C ALA K 311 26.57 7.11 40.31
N GLY K 312 27.08 5.92 40.03
CA GLY K 312 26.21 4.80 39.69
C GLY K 312 25.29 4.43 40.84
N TRP K 313 25.80 4.54 42.07
CA TRP K 313 24.99 4.24 43.24
C TRP K 313 23.89 5.29 43.41
N ALA K 314 24.20 6.56 43.13
CA ALA K 314 23.20 7.62 43.24
C ALA K 314 22.13 7.34 42.18
N GLN K 315 22.57 6.85 41.02
CA GLN K 315 21.66 6.50 39.93
C GLN K 315 20.66 5.45 40.42
N ALA K 316 21.17 4.46 41.14
CA ALA K 316 20.34 3.37 41.67
C ALA K 316 19.21 3.88 42.56
N VAL K 317 19.46 4.97 43.28
CA VAL K 317 18.45 5.55 44.16
C VAL K 317 17.33 6.19 43.36
N LEU K 318 17.66 7.05 42.41
CA LEU K 318 16.62 7.70 41.62
C LEU K 318 15.87 6.71 40.73
N PHE K 319 16.57 5.69 40.25
CA PHE K 319 15.93 4.68 39.39
C PHE K 319 14.87 3.93 40.20
N SER K 320 15.27 3.49 41.40
CA SER K 320 14.35 2.79 42.29
C SER K 320 13.15 3.68 42.61
N ALA K 321 13.42 4.94 42.95
CA ALA K 321 12.35 5.88 43.25
C ALA K 321 11.44 6.13 42.04
N ASP K 322 12.02 6.19 40.84
CA ASP K 322 11.19 6.40 39.66
C ASP K 322 10.29 5.21 39.37
N LEU K 323 10.66 4.02 39.82
CA LEU K 323 9.82 2.85 39.59
C LEU K 323 8.54 3.02 40.41
N ARG K 324 8.66 3.68 41.57
CA ARG K 324 7.49 3.92 42.45
C ARG K 324 6.70 5.12 41.91
N GLN K 325 6.00 4.94 40.79
CA GLN K 325 5.20 6.03 40.18
C GLN K 325 3.77 5.55 39.87
#